data_6KBF
#
_entry.id   6KBF
#
_cell.length_a   87.932
_cell.length_b   70.822
_cell.length_c   101.125
_cell.angle_alpha   90.000
_cell.angle_beta   111.450
_cell.angle_gamma   90.000
#
_symmetry.space_group_name_H-M   'P 1 21 1'
#
loop_
_entity.id
_entity.type
_entity.pdbx_description
1 polymer 'Lysine--tRNA ligase'
2 non-polymer LYSINE
3 non-polymer (3~{S})-3-[[(1~{S},3~{S})-3-methylcyclohexyl]methyl]-6,8-bis(oxidanyl)-3,4-dihydro-2~{H}-isoquinolin-1-one
4 non-polymer GLYCEROL
5 non-polymer 'DIMETHYL SULFOXIDE'
6 water water
#
_entity_poly.entity_id   1
_entity_poly.type   'polypeptide(L)'
_entity_poly.pdbx_seq_one_letter_code
;MEVDPRLYFENRSKFIQDQKDKGINPYPHKFERTISIPEFIEKYKDLGNGEHLEDTILNITGRIMRVSASGQKLRFFDLV
GDGEKIQVLANYSFHNHEKGNFAECYDKIRRGDIVGIVGFPGKSKKGELSIFPKETILLSACLHMLPMKYGLKDTEIRYR
QRYLDLLINESSRHTFVTRTKIINFLRNFLNERGFFEVETPMMNLIAGGANARPFITHHNDLDLDLYLRIATELPLKMLI
VGGIDKVYEIGKVFRNEGIDNTHNPEFTSCEFYWAYADYNDLIKWSEDFFSQLVYHLFGTYKISYNKDGPENQPIEIDFT
PPYPKVSIVEEIEKVTNTILEQPFDSNETIEKMINIIKEHKIELPNPPTAAKLLDQLASHFIENKYNDKPFFIVEHPQIM
SPLAKYHRTKPGLTERLEMFICGKEVLNAYTELNDPFKQKECFKLQQKDREKGDTEAAQLDSAFCTSLEYGLPPTGGLGL
GIDRITMFLTNKNSIKDVILFPTMRPANGGHHHHHH
;
_entity_poly.pdbx_strand_id   A,B
#
# COMPACT_ATOMS: atom_id res chain seq x y z
N ASP A 4 -21.63 -15.95 32.72
CA ASP A 4 -20.37 -16.50 33.23
C ASP A 4 -19.15 -15.64 32.80
N PRO A 5 -18.95 -15.41 31.49
CA PRO A 5 -17.89 -14.47 31.11
C PRO A 5 -18.16 -13.07 31.62
N ARG A 6 -19.43 -12.66 31.70
CA ARG A 6 -19.72 -11.36 32.28
C ARG A 6 -19.30 -11.31 33.75
N LEU A 7 -19.53 -12.38 34.50
CA LEU A 7 -19.15 -12.37 35.92
C LEU A 7 -17.64 -12.29 36.09
N TYR A 8 -16.90 -13.04 35.28
CA TYR A 8 -15.45 -12.99 35.32
C TYR A 8 -14.93 -11.59 35.02
N PHE A 9 -15.44 -10.97 33.95
CA PHE A 9 -15.01 -9.63 33.58
C PHE A 9 -15.35 -8.63 34.67
N GLU A 10 -16.52 -8.81 35.28
CA GLU A 10 -16.94 -8.03 36.45
C GLU A 10 -15.91 -8.11 37.57
N ASN A 11 -15.62 -9.32 38.03
CA ASN A 11 -14.70 -9.50 39.14
C ASN A 11 -13.32 -8.91 38.82
N ARG A 12 -12.86 -9.06 37.56
CA ARG A 12 -11.51 -8.58 37.23
C ARG A 12 -11.44 -7.05 37.09
N SER A 13 -12.50 -6.44 36.55
CA SER A 13 -12.57 -4.97 36.57
C SER A 13 -12.56 -4.45 37.99
N LYS A 14 -13.25 -5.16 38.90
CA LYS A 14 -13.24 -4.73 40.28
C LYS A 14 -11.85 -4.86 40.87
N PHE A 15 -11.16 -5.96 40.55
CA PHE A 15 -9.79 -6.14 40.99
C PHE A 15 -8.91 -4.97 40.56
N ILE A 16 -9.05 -4.53 39.31
CA ILE A 16 -8.28 -3.37 38.85
C ILE A 16 -8.59 -2.15 39.69
N GLN A 17 -9.88 -1.85 39.84
CA GLN A 17 -10.24 -0.66 40.61
C GLN A 17 -9.66 -0.71 42.03
N ASP A 18 -9.75 -1.88 42.68
CA ASP A 18 -9.22 -2.03 44.03
C ASP A 18 -7.71 -1.84 44.07
N GLN A 19 -7.00 -2.35 43.06
CA GLN A 19 -5.57 -2.10 42.97
C GLN A 19 -5.29 -0.60 42.92
N LYS A 20 -6.10 0.12 42.14
CA LYS A 20 -5.91 1.56 42.03
C LYS A 20 -6.12 2.25 43.37
N ASP A 21 -7.21 1.91 44.07
CA ASP A 21 -7.46 2.48 45.39
C ASP A 21 -6.26 2.28 46.31
N LYS A 22 -5.72 1.06 46.35
CA LYS A 22 -4.59 0.74 47.22
C LYS A 22 -3.26 1.36 46.74
N GLY A 23 -3.25 2.27 45.77
CA GLY A 23 -2.05 2.93 45.33
C GLY A 23 -1.33 2.25 44.18
N ILE A 24 -1.44 0.93 44.07
CA ILE A 24 -0.72 0.17 43.04
C ILE A 24 -1.28 0.51 41.66
N ASN A 25 -0.37 0.84 40.72
CA ASN A 25 -0.75 1.13 39.34
C ASN A 25 -0.66 -0.14 38.52
N PRO A 26 -1.78 -0.71 38.06
CA PRO A 26 -1.73 -1.97 37.31
C PRO A 26 -1.47 -1.80 35.81
N TYR A 27 -1.21 -0.58 35.34
CA TYR A 27 -0.72 -0.35 33.97
C TYR A 27 0.53 0.51 34.04
N PRO A 28 1.64 -0.04 34.52
CA PRO A 28 2.90 0.70 34.54
C PRO A 28 3.22 1.31 33.18
N HIS A 29 3.98 2.40 33.21
CA HIS A 29 4.27 3.13 31.99
C HIS A 29 5.33 2.43 31.14
N LYS A 30 6.41 1.97 31.76
CA LYS A 30 7.51 1.46 30.97
C LYS A 30 8.23 0.36 31.72
N PHE A 31 8.43 -0.78 31.06
CA PHE A 31 9.24 -1.88 31.57
C PHE A 31 10.35 -2.10 30.56
N GLU A 32 11.60 -2.03 31.01
CA GLU A 32 12.73 -2.10 30.10
C GLU A 32 13.19 -3.54 29.99
N ARG A 33 12.89 -4.14 28.86
CA ARG A 33 13.16 -5.53 28.56
C ARG A 33 14.58 -5.70 28.01
N THR A 34 15.23 -6.82 28.38
CA THR A 34 16.60 -7.14 27.95
C THR A 34 16.63 -8.01 26.72
N ILE A 35 15.59 -8.82 26.52
CA ILE A 35 15.65 -9.92 25.56
C ILE A 35 14.22 -10.31 25.28
N SER A 36 13.97 -10.79 24.07
CA SER A 36 12.66 -11.28 23.67
C SER A 36 12.57 -12.79 23.92
N ILE A 37 11.37 -13.32 23.79
CA ILE A 37 11.18 -14.74 24.10
C ILE A 37 11.88 -15.58 23.03
N PRO A 38 11.72 -15.29 21.71
CA PRO A 38 12.48 -16.07 20.72
C PRO A 38 13.99 -15.92 20.90
N GLU A 39 14.45 -14.72 21.28
CA GLU A 39 15.89 -14.53 21.51
C GLU A 39 16.37 -15.36 22.70
N PHE A 40 15.57 -15.41 23.76
CA PHE A 40 15.89 -16.22 24.93
C PHE A 40 15.99 -17.69 24.54
N ILE A 41 15.03 -18.16 23.76
CA ILE A 41 14.98 -19.56 23.38
C ILE A 41 16.21 -19.93 22.56
N GLU A 42 16.55 -19.09 21.58
CA GLU A 42 17.76 -19.33 20.78
C GLU A 42 19.00 -19.28 21.65
N LYS A 43 19.10 -18.27 22.52
CA LYS A 43 20.35 -18.04 23.24
C LYS A 43 20.63 -19.16 24.24
N TYR A 44 19.61 -19.69 24.90
CA TYR A 44 19.85 -20.63 25.99
C TYR A 44 19.49 -22.07 25.63
N LYS A 45 19.30 -22.34 24.36
CA LYS A 45 18.85 -23.68 23.94
C LYS A 45 19.83 -24.79 24.32
N ASP A 46 21.14 -24.48 24.39
CA ASP A 46 22.13 -25.51 24.66
C ASP A 46 22.55 -25.58 26.12
N LEU A 47 21.88 -24.82 26.98
CA LEU A 47 22.06 -24.95 28.42
C LEU A 47 21.89 -26.40 28.84
N GLY A 48 22.69 -26.85 29.81
CA GLY A 48 22.52 -28.19 30.32
C GLY A 48 21.24 -28.33 31.13
N ASN A 49 20.57 -29.48 31.00
CA ASN A 49 19.42 -29.80 31.86
C ASN A 49 19.75 -29.62 33.34
N GLY A 50 18.84 -28.99 34.06
CA GLY A 50 19.02 -28.78 35.49
C GLY A 50 19.86 -27.58 35.87
N GLU A 51 20.45 -26.90 34.89
CA GLU A 51 21.40 -25.82 35.12
C GLU A 51 20.69 -24.49 35.31
N HIS A 52 21.18 -23.69 36.25
CA HIS A 52 20.69 -22.33 36.51
C HIS A 52 21.82 -21.31 36.31
N LEU A 53 21.51 -20.21 35.61
CA LEU A 53 22.44 -19.09 35.50
C LEU A 53 22.07 -17.96 36.47
N GLU A 54 22.30 -18.21 37.76
CA GLU A 54 21.93 -17.21 38.76
C GLU A 54 22.73 -15.94 38.61
N ASP A 55 23.87 -16.00 37.95
CA ASP A 55 24.68 -14.79 37.75
C ASP A 55 24.17 -13.94 36.58
N THR A 56 23.11 -14.34 35.88
CA THR A 56 22.68 -13.72 34.62
C THR A 56 21.26 -13.19 34.79
N ILE A 57 21.12 -11.95 35.27
CA ILE A 57 19.81 -11.34 35.48
C ILE A 57 19.31 -10.73 34.18
N LEU A 58 18.08 -11.05 33.80
CA LEU A 58 17.44 -10.64 32.57
C LEU A 58 16.08 -10.06 32.88
N ASN A 59 15.64 -9.11 32.05
CA ASN A 59 14.28 -8.58 32.08
C ASN A 59 13.58 -9.10 30.84
N ILE A 60 12.43 -9.73 31.04
CA ILE A 60 11.72 -10.38 29.95
C ILE A 60 10.23 -10.06 30.10
N THR A 61 9.50 -10.02 28.98
CA THR A 61 8.07 -9.76 29.04
C THR A 61 7.33 -10.81 28.24
N GLY A 62 6.06 -10.98 28.58
CA GLY A 62 5.22 -11.82 27.73
C GLY A 62 3.83 -11.95 28.30
N ARG A 63 3.06 -12.86 27.70
CA ARG A 63 1.68 -13.12 28.10
C ARG A 63 1.61 -14.47 28.79
N ILE A 64 1.15 -14.47 30.03
CA ILE A 64 0.84 -15.71 30.73
C ILE A 64 -0.27 -16.39 29.97
N MET A 65 -0.05 -17.66 29.58
CA MET A 65 -1.08 -18.45 28.92
C MET A 65 -1.45 -19.72 29.66
N ARG A 66 -0.85 -19.99 30.81
CA ARG A 66 -1.15 -21.20 31.56
C ARG A 66 -0.70 -20.95 32.98
N VAL A 67 -1.56 -21.28 33.95
CA VAL A 67 -1.30 -21.10 35.37
C VAL A 67 -1.33 -22.48 36.03
N SER A 68 -0.31 -22.75 36.84
CA SER A 68 -0.25 -23.98 37.62
C SER A 68 0.51 -23.69 38.90
N ALA A 69 0.48 -24.65 39.81
CA ALA A 69 1.26 -24.54 41.03
C ALA A 69 1.48 -25.92 41.60
N SER A 70 2.53 -26.06 42.40
CA SER A 70 2.70 -27.21 43.29
C SER A 70 2.47 -26.84 44.74
N GLY A 71 1.88 -25.67 44.98
CA GLY A 71 1.37 -25.30 46.28
C GLY A 71 2.20 -24.28 47.02
N GLN A 72 1.80 -23.01 46.89
CA GLN A 72 2.17 -21.93 47.81
C GLN A 72 3.66 -21.58 47.80
N LYS A 73 4.49 -22.39 47.15
CA LYS A 73 5.93 -22.12 47.08
C LYS A 73 6.52 -22.32 45.70
N LEU A 74 5.88 -23.07 44.82
CA LEU A 74 6.26 -23.20 43.43
C LEU A 74 5.07 -22.78 42.58
N ARG A 75 5.23 -21.73 41.79
CA ARG A 75 4.25 -21.36 40.79
C ARG A 75 4.84 -21.60 39.41
N PHE A 76 4.08 -22.25 38.54
CA PHE A 76 4.48 -22.55 37.18
C PHE A 76 3.59 -21.78 36.21
N PHE A 77 4.18 -21.29 35.12
CA PHE A 77 3.41 -20.59 34.09
C PHE A 77 3.96 -20.88 32.71
N ASP A 78 3.10 -20.79 31.70
CA ASP A 78 3.53 -20.66 30.31
C ASP A 78 3.54 -19.17 29.96
N LEU A 79 4.61 -18.71 29.29
CA LEU A 79 4.77 -17.31 28.94
C LEU A 79 5.05 -17.25 27.46
N VAL A 80 4.20 -16.54 26.72
CA VAL A 80 4.37 -16.53 25.27
C VAL A 80 4.65 -15.12 24.77
N GLY A 81 5.33 -15.06 23.65
CA GLY A 81 5.70 -13.82 22.99
C GLY A 81 6.17 -14.12 21.59
N ASP A 82 5.71 -13.34 20.62
CA ASP A 82 6.07 -13.52 19.21
C ASP A 82 5.83 -14.95 18.76
N GLY A 83 4.75 -15.55 19.24
CA GLY A 83 4.43 -16.91 18.82
C GLY A 83 5.28 -18.00 19.43
N GLU A 84 6.13 -17.69 20.40
CA GLU A 84 6.95 -18.73 21.01
C GLU A 84 6.71 -18.73 22.51
N LYS A 85 7.19 -19.78 23.18
CA LYS A 85 6.77 -20.05 24.56
C LYS A 85 7.93 -20.55 25.38
N ILE A 86 8.02 -20.06 26.62
CA ILE A 86 8.89 -20.64 27.64
C ILE A 86 8.09 -20.89 28.91
N GLN A 87 8.69 -21.64 29.82
N GLN A 87 8.70 -21.65 29.81
CA GLN A 87 8.15 -21.86 31.14
CA GLN A 87 8.21 -21.85 31.17
C GLN A 87 8.65 -20.75 32.07
C GLN A 87 8.64 -20.71 32.07
N VAL A 88 7.82 -20.40 33.04
CA VAL A 88 8.19 -19.52 34.15
C VAL A 88 8.13 -20.38 35.38
N LEU A 89 9.24 -20.45 36.12
CA LEU A 89 9.27 -21.21 37.36
C LEU A 89 9.58 -20.24 38.51
N ALA A 90 8.52 -19.82 39.21
CA ALA A 90 8.63 -18.88 40.32
C ALA A 90 8.75 -19.68 41.61
N ASN A 91 9.94 -19.62 42.20
CA ASN A 91 10.30 -20.39 43.39
C ASN A 91 10.47 -19.42 44.56
N TYR A 92 9.74 -19.68 45.65
CA TYR A 92 9.87 -18.85 46.85
C TYR A 92 11.34 -18.63 47.21
N SER A 93 12.17 -19.66 47.03
CA SER A 93 13.57 -19.57 47.41
C SER A 93 14.29 -18.45 46.67
N PHE A 94 13.84 -18.12 45.45
CA PHE A 94 14.49 -17.09 44.64
C PHE A 94 13.73 -15.77 44.65
N HIS A 95 12.67 -15.66 45.43
CA HIS A 95 11.88 -14.43 45.41
C HIS A 95 12.63 -13.29 46.08
N ASN A 96 12.53 -12.09 45.50
CA ASN A 96 13.03 -10.90 46.18
C ASN A 96 11.94 -10.43 47.13
N HIS A 97 12.05 -10.86 48.40
CA HIS A 97 11.03 -10.55 49.39
C HIS A 97 10.98 -9.07 49.75
N GLU A 98 12.09 -8.35 49.57
CA GLU A 98 12.12 -6.92 49.87
C GLU A 98 11.25 -6.10 48.90
N LYS A 99 10.79 -6.68 47.80
CA LYS A 99 9.95 -5.96 46.86
C LYS A 99 8.47 -6.31 47.01
N GLY A 100 8.14 -7.34 47.77
CA GLY A 100 6.76 -7.71 47.96
C GLY A 100 6.64 -9.15 48.42
N ASN A 101 5.42 -9.50 48.84
CA ASN A 101 5.13 -10.84 49.31
C ASN A 101 4.94 -11.78 48.13
N PHE A 102 5.57 -12.97 48.22
CA PHE A 102 5.56 -13.94 47.13
C PHE A 102 4.14 -14.36 46.76
N ALA A 103 3.45 -15.01 47.69
CA ALA A 103 2.10 -15.50 47.41
C ALA A 103 1.16 -14.36 47.04
N GLU A 104 1.32 -13.20 47.68
CA GLU A 104 0.51 -12.05 47.32
C GLU A 104 0.70 -11.68 45.85
N CYS A 105 1.94 -11.71 45.37
CA CYS A 105 2.21 -11.34 44.00
C CYS A 105 1.66 -12.38 43.03
N TYR A 106 1.91 -13.66 43.29
CA TYR A 106 1.60 -14.65 42.27
C TYR A 106 0.15 -15.15 42.33
N ASP A 107 -0.53 -14.98 43.46
CA ASP A 107 -1.92 -15.38 43.56
C ASP A 107 -2.81 -14.59 42.62
N LYS A 108 -2.48 -13.32 42.37
CA LYS A 108 -3.35 -12.48 41.56
C LYS A 108 -3.14 -12.63 40.05
N ILE A 109 -2.05 -13.26 39.61
CA ILE A 109 -1.81 -13.47 38.18
C ILE A 109 -2.88 -14.37 37.59
N ARG A 110 -3.38 -13.99 36.42
CA ARG A 110 -4.38 -14.78 35.71
C ARG A 110 -3.93 -15.05 34.29
N ARG A 111 -4.40 -16.17 33.74
CA ARG A 111 -4.17 -16.47 32.33
C ARG A 111 -4.59 -15.28 31.47
N GLY A 112 -3.68 -14.87 30.58
CA GLY A 112 -3.86 -13.73 29.72
C GLY A 112 -3.10 -12.48 30.15
N ASP A 113 -2.75 -12.39 31.43
CA ASP A 113 -2.05 -11.21 31.92
C ASP A 113 -0.72 -11.08 31.19
N ILE A 114 -0.39 -9.85 30.78
CA ILE A 114 0.93 -9.47 30.30
C ILE A 114 1.77 -9.05 31.51
N VAL A 115 2.95 -9.67 31.64
CA VAL A 115 3.82 -9.47 32.78
C VAL A 115 5.23 -9.11 32.33
N GLY A 116 5.94 -8.46 33.23
CA GLY A 116 7.37 -8.27 33.13
C GLY A 116 8.03 -9.03 34.27
N ILE A 117 9.13 -9.69 33.96
CA ILE A 117 9.82 -10.58 34.88
C ILE A 117 11.28 -10.16 34.93
N VAL A 118 11.81 -10.02 36.14
CA VAL A 118 13.24 -9.90 36.41
C VAL A 118 13.69 -11.25 36.99
N GLY A 119 14.62 -11.92 36.32
CA GLY A 119 14.97 -13.26 36.76
C GLY A 119 16.13 -13.83 35.96
N PHE A 120 16.41 -15.10 36.18
CA PHE A 120 17.55 -15.71 35.51
C PHE A 120 17.13 -16.92 34.70
N PRO A 121 17.88 -17.26 33.66
CA PRO A 121 17.53 -18.42 32.84
C PRO A 121 18.02 -19.72 33.45
N GLY A 122 17.32 -20.80 33.08
CA GLY A 122 17.69 -22.11 33.56
C GLY A 122 16.89 -23.16 32.82
N LYS A 123 17.20 -24.43 33.12
CA LYS A 123 16.44 -25.54 32.56
C LYS A 123 15.98 -26.44 33.69
N SER A 124 14.74 -26.93 33.57
CA SER A 124 14.34 -27.94 34.54
C SER A 124 15.20 -29.18 34.36
N LYS A 125 15.18 -30.05 35.37
CA LYS A 125 15.90 -31.31 35.26
C LYS A 125 15.44 -32.12 34.07
N LYS A 126 14.20 -31.92 33.65
CA LYS A 126 13.64 -32.61 32.50
C LYS A 126 13.91 -31.90 31.20
N GLY A 127 14.60 -30.76 31.22
CA GLY A 127 15.04 -30.12 29.99
C GLY A 127 14.21 -28.96 29.51
N GLU A 128 13.29 -28.45 30.32
CA GLU A 128 12.41 -27.37 29.88
C GLU A 128 13.08 -26.04 30.19
N LEU A 129 13.37 -25.29 29.13
CA LEU A 129 13.89 -23.94 29.25
C LEU A 129 12.89 -23.05 29.98
N SER A 130 13.37 -22.35 31.00
CA SER A 130 12.54 -21.54 31.85
C SER A 130 13.26 -20.26 32.25
N ILE A 131 12.46 -19.24 32.55
CA ILE A 131 12.89 -18.08 33.31
C ILE A 131 12.50 -18.30 34.76
N PHE A 132 13.42 -18.02 35.67
CA PHE A 132 13.22 -18.15 37.11
C PHE A 132 13.09 -16.74 37.68
N PRO A 133 11.87 -16.26 37.97
CA PRO A 133 11.72 -14.89 38.46
C PRO A 133 12.31 -14.71 39.84
N LYS A 134 12.95 -13.55 40.04
CA LYS A 134 13.10 -12.94 41.36
C LYS A 134 11.97 -11.94 41.62
N GLU A 135 11.41 -11.36 40.56
CA GLU A 135 10.30 -10.41 40.66
C GLU A 135 9.42 -10.52 39.42
N THR A 136 8.10 -10.42 39.63
CA THR A 136 7.15 -10.41 38.52
C THR A 136 6.17 -9.27 38.70
N ILE A 137 6.03 -8.45 37.66
CA ILE A 137 5.22 -7.23 37.67
C ILE A 137 4.12 -7.40 36.64
N LEU A 138 2.88 -7.22 37.07
CA LEU A 138 1.76 -7.12 36.14
C LEU A 138 1.90 -5.83 35.31
N LEU A 139 1.87 -5.96 34.00
CA LEU A 139 1.94 -4.82 33.09
C LEU A 139 0.60 -4.50 32.45
N SER A 140 -0.19 -5.53 32.16
CA SER A 140 -1.51 -5.29 31.57
C SER A 140 -2.36 -6.52 31.76
N ALA A 141 -3.45 -6.39 32.51
CA ALA A 141 -4.29 -7.53 32.84
C ALA A 141 -5.20 -7.90 31.67
N CYS A 142 -5.53 -9.17 31.60
CA CYS A 142 -6.55 -9.66 30.69
C CYS A 142 -7.84 -9.82 31.49
N LEU A 143 -8.86 -9.03 31.15
CA LEU A 143 -10.07 -8.97 31.95
C LEU A 143 -11.14 -9.98 31.53
N HIS A 144 -10.98 -10.65 30.40
CA HIS A 144 -11.89 -11.71 29.98
C HIS A 144 -11.18 -13.05 30.01
N MET A 145 -11.95 -14.12 30.15
CA MET A 145 -11.36 -15.45 30.04
C MET A 145 -10.96 -15.68 28.58
N LEU A 146 -9.74 -16.05 28.39
CA LEU A 146 -9.34 -16.37 27.02
C LEU A 146 -9.86 -17.76 26.66
N PRO A 147 -10.27 -17.96 25.40
CA PRO A 147 -10.64 -19.31 24.97
C PRO A 147 -9.43 -20.23 25.08
N MET A 148 -9.70 -21.52 25.25
CA MET A 148 -8.62 -22.50 25.39
C MET A 148 -8.16 -23.02 24.03
N LYS A 149 -7.08 -23.81 24.06
CA LYS A 149 -6.32 -24.25 22.89
C LYS A 149 -7.19 -24.63 21.69
N TYR A 150 -8.30 -25.31 21.92
CA TYR A 150 -9.21 -25.71 20.85
C TYR A 150 -10.56 -25.01 20.95
N GLY A 151 -10.58 -23.76 21.39
CA GLY A 151 -11.82 -23.06 21.61
C GLY A 151 -12.39 -22.25 20.48
N LEU A 152 -11.67 -22.12 19.35
CA LEU A 152 -12.06 -21.21 18.28
C LEU A 152 -12.69 -21.90 17.08
N LYS A 153 -13.00 -23.20 17.17
CA LYS A 153 -13.12 -24.08 16.01
C LYS A 153 -13.87 -23.49 14.81
N ASP A 154 -15.16 -23.19 14.98
CA ASP A 154 -16.01 -22.87 13.83
C ASP A 154 -16.71 -21.52 13.93
N THR A 155 -16.35 -20.70 14.91
CA THR A 155 -17.04 -19.44 15.09
C THR A 155 -16.44 -18.35 14.21
N GLU A 156 -17.21 -17.27 14.04
CA GLU A 156 -16.71 -16.03 13.48
C GLU A 156 -15.98 -15.18 14.50
N ILE A 157 -15.72 -15.71 15.69
CA ILE A 157 -14.85 -15.01 16.62
C ILE A 157 -13.49 -14.75 15.98
N ARG A 158 -13.00 -15.71 15.17
CA ARG A 158 -11.69 -15.57 14.56
C ARG A 158 -11.63 -14.37 13.64
N TYR A 159 -12.74 -14.04 12.98
CA TYR A 159 -12.77 -12.94 12.02
C TYR A 159 -13.18 -11.63 12.65
N ARG A 160 -14.01 -11.67 13.70
CA ARG A 160 -14.48 -10.47 14.39
C ARG A 160 -13.58 -10.05 15.53
N GLN A 161 -12.79 -10.97 16.12
CA GLN A 161 -11.76 -10.58 17.10
C GLN A 161 -10.50 -11.31 16.67
N ARG A 162 -9.86 -10.79 15.64
CA ARG A 162 -8.70 -11.45 15.06
C ARG A 162 -7.59 -11.61 16.11
N TYR A 163 -7.51 -10.69 17.08
CA TYR A 163 -6.42 -10.76 18.06
C TYR A 163 -6.51 -12.04 18.89
N LEU A 164 -7.74 -12.52 19.17
CA LEU A 164 -7.91 -13.79 19.88
C LEU A 164 -7.42 -14.95 19.04
N ASP A 165 -7.76 -14.93 17.74
CA ASP A 165 -7.25 -15.92 16.81
C ASP A 165 -5.72 -15.92 16.76
N LEU A 166 -5.10 -14.73 16.73
CA LEU A 166 -3.64 -14.70 16.62
C LEU A 166 -2.98 -15.19 17.89
N LEU A 167 -3.64 -14.97 19.05
CA LEU A 167 -3.11 -15.46 20.32
C LEU A 167 -3.23 -16.98 20.47
N ILE A 168 -4.38 -17.54 20.06
CA ILE A 168 -4.71 -18.92 20.43
C ILE A 168 -4.26 -19.93 19.36
N ASN A 169 -4.45 -19.60 18.08
CA ASN A 169 -4.20 -20.55 16.99
C ASN A 169 -2.86 -20.23 16.34
N GLU A 170 -1.86 -21.07 16.59
CA GLU A 170 -0.52 -20.83 16.02
C GLU A 170 -0.56 -20.74 14.50
N SER A 171 -1.48 -21.48 13.89
CA SER A 171 -1.50 -21.50 12.43
C SER A 171 -1.87 -20.13 11.85
N SER A 172 -2.63 -19.32 12.60
N SER A 172 -2.62 -19.32 12.60
CA SER A 172 -3.07 -18.04 12.07
CA SER A 172 -3.05 -18.03 12.05
C SER A 172 -1.88 -17.10 11.87
C SER A 172 -1.86 -17.11 11.86
N ARG A 173 -0.99 -17.08 12.84
CA ARG A 173 0.16 -16.24 12.71
C ARG A 173 0.99 -16.77 11.52
N HIS A 174 1.13 -18.08 11.42
CA HIS A 174 1.87 -18.60 10.27
C HIS A 174 1.24 -18.14 8.94
N THR A 175 -0.08 -18.18 8.84
CA THR A 175 -0.74 -17.75 7.60
C THR A 175 -0.38 -16.30 7.27
N PHE A 176 -0.49 -15.41 8.27
CA PHE A 176 -0.25 -14.00 7.94
C PHE A 176 1.22 -13.66 7.73
N VAL A 177 2.11 -14.43 8.37
CA VAL A 177 3.52 -14.29 8.08
C VAL A 177 3.77 -14.66 6.64
N THR A 178 3.15 -15.74 6.18
CA THR A 178 3.35 -16.16 4.79
C THR A 178 2.79 -15.12 3.81
N ARG A 179 1.66 -14.50 4.17
CA ARG A 179 1.11 -13.41 3.35
C ARG A 179 2.15 -12.30 3.13
N THR A 180 2.69 -11.78 4.24
CA THR A 180 3.70 -10.73 4.13
C THR A 180 4.93 -11.22 3.37
N LYS A 181 5.33 -12.49 3.56
CA LYS A 181 6.46 -13.03 2.79
C LYS A 181 6.17 -13.02 1.29
N ILE A 182 4.95 -13.39 0.90
CA ILE A 182 4.58 -13.43 -0.52
C ILE A 182 4.70 -12.03 -1.12
N ILE A 183 4.19 -11.04 -0.40
CA ILE A 183 4.22 -9.68 -0.93
C ILE A 183 5.64 -9.16 -1.00
N ASN A 184 6.47 -9.45 0.04
CA ASN A 184 7.87 -9.01 0.01
C ASN A 184 8.57 -9.63 -1.18
N PHE A 185 8.30 -10.91 -1.42
CA PHE A 185 8.91 -11.62 -2.55
C PHE A 185 8.53 -10.97 -3.86
N LEU A 186 7.26 -10.62 -4.04
CA LEU A 186 6.80 -9.96 -5.27
C LEU A 186 7.47 -8.60 -5.45
N ARG A 187 7.49 -7.80 -4.39
CA ARG A 187 8.13 -6.49 -4.49
C ARG A 187 9.59 -6.64 -4.91
N ASN A 188 10.32 -7.57 -4.27
N ASN A 188 10.32 -7.57 -4.28
CA ASN A 188 11.72 -7.76 -4.61
CA ASN A 188 11.73 -7.76 -4.64
C ASN A 188 11.88 -8.31 -6.03
C ASN A 188 11.87 -8.30 -6.05
N PHE A 189 10.98 -9.21 -6.45
CA PHE A 189 11.05 -9.80 -7.79
C PHE A 189 10.93 -8.73 -8.85
N LEU A 190 10.01 -7.80 -8.64
CA LEU A 190 9.81 -6.71 -9.60
C LEU A 190 10.95 -5.71 -9.53
N ASN A 191 11.40 -5.35 -8.32
CA ASN A 191 12.45 -4.35 -8.21
C ASN A 191 13.76 -4.86 -8.81
N GLU A 192 14.06 -6.15 -8.63
CA GLU A 192 15.28 -6.69 -9.23
C GLU A 192 15.25 -6.64 -10.74
N ARG A 193 14.05 -6.55 -11.33
CA ARG A 193 13.90 -6.49 -12.78
C ARG A 193 13.75 -5.06 -13.29
N GLY A 194 14.11 -4.05 -12.50
CA GLY A 194 14.05 -2.67 -12.95
C GLY A 194 12.72 -1.96 -12.74
N PHE A 195 11.77 -2.57 -12.04
CA PHE A 195 10.43 -1.99 -11.96
C PHE A 195 10.35 -0.92 -10.88
N PHE A 196 9.48 0.06 -11.11
CA PHE A 196 9.39 1.26 -10.28
C PHE A 196 8.04 1.35 -9.59
N GLU A 197 8.05 1.28 -8.26
CA GLU A 197 6.81 1.26 -7.50
C GLU A 197 6.24 2.66 -7.34
N VAL A 198 4.94 2.80 -7.61
CA VAL A 198 4.29 4.09 -7.50
C VAL A 198 2.98 3.92 -6.72
N GLU A 199 2.33 5.08 -6.49
CA GLU A 199 1.00 5.13 -5.91
C GLU A 199 0.10 5.99 -6.80
N THR A 200 -1.04 5.45 -7.18
CA THR A 200 -2.05 6.16 -7.96
C THR A 200 -3.30 6.34 -7.10
N PRO A 201 -4.24 7.21 -7.50
CA PRO A 201 -5.29 7.64 -6.57
C PRO A 201 -6.27 6.52 -6.27
N MET A 202 -6.73 6.50 -5.03
CA MET A 202 -7.78 5.58 -4.61
C MET A 202 -9.15 6.07 -5.02
N MET A 203 -9.26 7.36 -5.32
CA MET A 203 -10.52 8.01 -5.65
C MET A 203 -10.36 8.65 -7.02
N ASN A 204 -11.34 8.46 -7.89
CA ASN A 204 -11.22 8.96 -9.25
C ASN A 204 -12.57 9.46 -9.71
N LEU A 205 -12.53 10.39 -10.67
CA LEU A 205 -13.79 10.85 -11.23
C LEU A 205 -14.50 9.73 -11.98
N ILE A 206 -13.74 8.82 -12.59
CA ILE A 206 -14.31 7.68 -13.31
C ILE A 206 -13.60 6.42 -12.84
N ALA A 207 -14.37 5.42 -12.41
CA ALA A 207 -13.78 4.15 -11.97
C ALA A 207 -13.61 3.25 -13.19
N GLY A 208 -12.38 3.13 -13.68
CA GLY A 208 -12.13 2.24 -14.81
C GLY A 208 -11.06 1.20 -14.54
N GLY A 209 -10.65 0.49 -15.59
CA GLY A 209 -9.61 -0.51 -15.49
C GLY A 209 -10.10 -1.93 -15.34
N ALA A 210 -11.41 -2.14 -15.18
CA ALA A 210 -11.96 -3.46 -14.98
C ALA A 210 -13.47 -3.36 -15.15
N ASN A 211 -14.13 -4.49 -15.18
CA ASN A 211 -15.59 -4.52 -15.26
C ASN A 211 -16.07 -4.89 -13.87
N ALA A 212 -16.57 -3.90 -13.15
CA ALA A 212 -16.99 -4.10 -11.77
C ALA A 212 -17.82 -2.90 -11.34
N ARG A 213 -18.71 -3.15 -10.37
CA ARG A 213 -19.52 -2.11 -9.74
C ARG A 213 -18.65 -1.37 -8.72
N PRO A 214 -18.62 -0.04 -8.76
CA PRO A 214 -17.78 0.73 -7.83
C PRO A 214 -18.50 1.17 -6.57
N PHE A 215 -17.70 1.47 -5.54
CA PHE A 215 -18.14 2.27 -4.41
C PHE A 215 -18.06 3.74 -4.79
N ILE A 216 -18.95 4.55 -4.21
CA ILE A 216 -18.92 5.98 -4.48
C ILE A 216 -18.96 6.74 -3.16
N THR A 217 -18.27 7.88 -3.12
CA THR A 217 -18.19 8.72 -1.94
C THR A 217 -18.21 10.17 -2.43
N HIS A 218 -18.17 11.11 -1.49
CA HIS A 218 -18.36 12.54 -1.80
C HIS A 218 -17.33 13.35 -1.05
N HIS A 219 -16.68 14.28 -1.74
CA HIS A 219 -15.80 15.25 -1.11
C HIS A 219 -16.57 16.53 -0.85
N ASN A 220 -16.68 16.93 0.42
CA ASN A 220 -17.63 17.96 0.80
C ASN A 220 -17.17 19.34 0.36
N ASP A 221 -15.91 19.67 0.66
CA ASP A 221 -15.39 21.01 0.37
C ASP A 221 -15.43 21.31 -1.12
N LEU A 222 -15.05 20.35 -1.95
CA LEU A 222 -15.11 20.49 -3.40
C LEU A 222 -16.48 20.17 -3.96
N ASP A 223 -17.38 19.66 -3.12
CA ASP A 223 -18.69 19.21 -3.54
C ASP A 223 -18.59 18.32 -4.78
N LEU A 224 -17.88 17.20 -4.62
CA LEU A 224 -17.50 16.39 -5.78
C LEU A 224 -17.72 14.91 -5.47
N ASP A 225 -18.51 14.22 -6.30
CA ASP A 225 -18.63 12.76 -6.18
C ASP A 225 -17.41 12.07 -6.78
N LEU A 226 -16.91 11.04 -6.07
CA LEU A 226 -15.73 10.28 -6.47
C LEU A 226 -16.03 8.80 -6.33
N TYR A 227 -15.38 8.00 -7.17
CA TYR A 227 -15.48 6.54 -7.10
C TYR A 227 -14.20 5.97 -6.51
N LEU A 228 -14.34 5.03 -5.58
CA LEU A 228 -13.17 4.24 -5.19
C LEU A 228 -12.70 3.42 -6.37
N ARG A 229 -11.40 3.32 -6.54
CA ARG A 229 -10.85 2.59 -7.68
C ARG A 229 -11.20 1.09 -7.65
N ILE A 230 -11.55 0.58 -8.83
CA ILE A 230 -11.78 -0.85 -9.01
C ILE A 230 -10.55 -1.53 -9.59
N ALA A 231 -9.53 -0.77 -9.98
CA ALA A 231 -8.30 -1.30 -10.55
C ALA A 231 -7.30 -0.14 -10.64
N THR A 232 -6.04 -0.48 -10.88
CA THR A 232 -5.03 0.56 -11.02
C THR A 232 -4.58 0.75 -12.47
N GLU A 233 -5.21 0.06 -13.41
CA GLU A 233 -4.71 -0.07 -14.77
C GLU A 233 -4.57 1.26 -15.52
N LEU A 234 -5.62 2.12 -15.48
CA LEU A 234 -5.58 3.31 -16.34
C LEU A 234 -4.47 4.30 -15.94
N PRO A 235 -4.36 4.75 -14.68
CA PRO A 235 -3.26 5.67 -14.36
C PRO A 235 -1.87 5.03 -14.51
N LEU A 236 -1.72 3.72 -14.31
CA LEU A 236 -0.41 3.10 -14.56
C LEU A 236 -0.05 3.17 -16.05
N LYS A 237 -1.03 2.94 -16.93
CA LYS A 237 -0.71 3.08 -18.35
C LYS A 237 -0.35 4.53 -18.67
N MET A 238 -1.05 5.48 -18.04
CA MET A 238 -0.66 6.89 -18.24
C MET A 238 0.79 7.13 -17.84
N LEU A 239 1.23 6.48 -16.75
CA LEU A 239 2.64 6.58 -16.35
C LEU A 239 3.59 5.96 -17.39
N ILE A 240 3.16 4.91 -18.09
CA ILE A 240 3.95 4.40 -19.22
C ILE A 240 4.08 5.50 -20.29
N VAL A 241 2.95 6.14 -20.64
CA VAL A 241 3.04 7.26 -21.59
C VAL A 241 4.04 8.30 -21.10
N GLY A 242 4.04 8.58 -19.80
CA GLY A 242 4.99 9.50 -19.18
C GLY A 242 6.43 9.04 -19.15
N GLY A 243 6.71 7.83 -19.62
CA GLY A 243 8.07 7.35 -19.76
C GLY A 243 8.57 6.51 -18.61
N ILE A 244 7.73 6.17 -17.63
CA ILE A 244 8.15 5.23 -16.61
C ILE A 244 7.93 3.84 -17.16
N ASP A 245 8.92 3.30 -17.84
CA ASP A 245 8.69 2.16 -18.73
C ASP A 245 8.54 0.83 -18.01
N LYS A 246 8.83 0.75 -16.72
CA LYS A 246 8.55 -0.45 -15.93
C LYS A 246 7.95 0.07 -14.63
N VAL A 247 6.65 -0.11 -14.43
CA VAL A 247 5.98 0.58 -13.34
C VAL A 247 4.98 -0.39 -12.71
N TYR A 248 4.74 -0.22 -11.42
CA TYR A 248 3.78 -1.13 -10.77
C TYR A 248 3.25 -0.53 -9.49
N GLU A 249 2.18 -1.15 -8.98
CA GLU A 249 1.55 -0.71 -7.75
C GLU A 249 0.99 -1.95 -7.04
N ILE A 250 1.20 -2.01 -5.73
CA ILE A 250 0.60 -3.03 -4.85
C ILE A 250 -0.27 -2.29 -3.85
N GLY A 251 -1.57 -2.55 -3.88
CA GLY A 251 -2.41 -1.90 -2.89
C GLY A 251 -3.85 -2.34 -3.07
N LYS A 252 -4.72 -1.72 -2.27
CA LYS A 252 -6.12 -2.09 -2.24
C LYS A 252 -6.83 -1.55 -3.46
N VAL A 253 -7.79 -2.34 -3.95
CA VAL A 253 -8.84 -1.88 -4.84
C VAL A 253 -10.15 -2.35 -4.24
N PHE A 254 -11.25 -1.80 -4.78
CA PHE A 254 -12.57 -1.86 -4.14
C PHE A 254 -13.61 -2.24 -5.16
N ARG A 255 -14.41 -3.26 -4.85
CA ARG A 255 -15.49 -3.61 -5.75
C ARG A 255 -16.74 -3.83 -4.93
N ASN A 256 -17.83 -3.26 -5.42
CA ASN A 256 -19.08 -3.14 -4.68
C ASN A 256 -20.01 -4.25 -5.17
N GLU A 257 -19.75 -5.47 -4.70
CA GLU A 257 -20.57 -6.63 -5.10
C GLU A 257 -20.61 -7.62 -3.93
N GLY A 258 -21.07 -8.84 -4.21
CA GLY A 258 -21.31 -9.79 -3.14
C GLY A 258 -20.02 -10.34 -2.53
N ILE A 259 -20.17 -10.81 -1.29
CA ILE A 259 -19.09 -11.31 -0.46
C ILE A 259 -19.18 -12.83 -0.40
N ASP A 260 -18.07 -13.52 -0.61
CA ASP A 260 -18.09 -14.97 -0.43
C ASP A 260 -16.67 -15.46 -0.18
N ASN A 261 -16.45 -16.78 -0.32
CA ASN A 261 -15.15 -17.36 0.01
C ASN A 261 -14.01 -16.86 -0.87
N THR A 262 -14.28 -16.25 -2.01
CA THR A 262 -13.20 -15.67 -2.81
C THR A 262 -13.45 -14.21 -3.14
N HIS A 263 -14.36 -13.55 -2.42
CA HIS A 263 -14.63 -12.13 -2.64
C HIS A 263 -14.75 -11.38 -1.31
N ASN A 264 -13.84 -10.43 -1.09
CA ASN A 264 -13.93 -9.40 -0.06
C ASN A 264 -14.01 -8.03 -0.73
N PRO A 265 -14.87 -7.14 -0.23
CA PRO A 265 -15.12 -5.87 -0.95
C PRO A 265 -13.89 -5.02 -1.17
N GLU A 266 -12.91 -5.07 -0.30
CA GLU A 266 -11.60 -4.52 -0.62
C GLU A 266 -10.60 -5.65 -0.65
N PHE A 267 -9.73 -5.63 -1.65
CA PHE A 267 -8.72 -6.68 -1.76
C PHE A 267 -7.46 -6.07 -2.36
N THR A 268 -6.37 -6.81 -2.24
CA THR A 268 -5.05 -6.31 -2.57
C THR A 268 -4.66 -6.84 -3.93
N SER A 269 -4.35 -5.92 -4.85
CA SER A 269 -3.91 -6.31 -6.17
C SER A 269 -2.50 -5.78 -6.39
N CYS A 270 -1.78 -6.49 -7.25
CA CYS A 270 -0.56 -5.92 -7.84
C CYS A 270 -0.77 -5.80 -9.33
N GLU A 271 -0.56 -4.61 -9.90
CA GLU A 271 -0.56 -4.45 -11.35
C GLU A 271 0.79 -3.90 -11.76
N PHE A 272 1.38 -4.46 -12.82
CA PHE A 272 2.58 -3.90 -13.42
C PHE A 272 2.41 -3.71 -14.93
N TYR A 273 3.14 -2.72 -15.45
CA TYR A 273 3.12 -2.36 -16.86
C TYR A 273 4.57 -2.32 -17.32
N TRP A 274 4.83 -2.99 -18.46
CA TRP A 274 6.16 -3.34 -18.94
C TRP A 274 6.24 -2.90 -20.40
N ALA A 275 6.77 -1.68 -20.63
CA ALA A 275 6.87 -1.19 -22.00
C ALA A 275 7.77 -2.12 -22.83
N TYR A 276 7.33 -2.34 -24.08
CA TYR A 276 7.98 -3.13 -25.14
C TYR A 276 7.85 -4.64 -24.92
N ALA A 277 7.10 -5.08 -23.92
CA ALA A 277 6.78 -6.49 -23.72
C ALA A 277 5.42 -6.78 -24.34
N ASP A 278 5.11 -8.06 -24.55
CA ASP A 278 3.78 -8.44 -25.02
C ASP A 278 3.31 -9.70 -24.29
N TYR A 279 2.15 -10.20 -24.74
CA TYR A 279 1.54 -11.45 -24.27
C TYR A 279 2.54 -12.58 -23.98
N ASN A 280 3.48 -12.81 -24.90
CA ASN A 280 4.43 -13.91 -24.72
C ASN A 280 5.37 -13.64 -23.53
N ASP A 281 5.88 -12.42 -23.42
CA ASP A 281 6.68 -12.08 -22.26
C ASP A 281 5.89 -12.25 -20.98
N LEU A 282 4.58 -11.98 -21.03
CA LEU A 282 3.75 -12.04 -19.83
C LEU A 282 3.46 -13.47 -19.43
N ILE A 283 3.32 -14.37 -20.42
CA ILE A 283 3.22 -15.79 -20.11
C ILE A 283 4.48 -16.26 -19.40
N LYS A 284 5.65 -15.92 -19.96
CA LYS A 284 6.91 -16.35 -19.34
C LYS A 284 7.08 -15.76 -17.95
N TRP A 285 6.76 -14.48 -17.80
CA TRP A 285 6.81 -13.85 -16.48
C TRP A 285 5.95 -14.62 -15.48
N SER A 286 4.71 -14.97 -15.86
CA SER A 286 3.82 -15.69 -14.94
C SER A 286 4.41 -17.04 -14.53
N GLU A 287 4.93 -17.79 -15.50
CA GLU A 287 5.52 -19.10 -15.17
C GLU A 287 6.76 -18.96 -14.29
N ASP A 288 7.63 -18.01 -14.64
CA ASP A 288 8.81 -17.75 -13.81
C ASP A 288 8.39 -17.35 -12.40
N PHE A 289 7.44 -16.41 -12.28
CA PHE A 289 7.12 -15.86 -10.97
C PHE A 289 6.49 -16.92 -10.07
N PHE A 290 5.46 -17.62 -10.56
CA PHE A 290 4.79 -18.58 -9.69
C PHE A 290 5.71 -19.74 -9.33
N SER A 291 6.48 -20.28 -10.29
CA SER A 291 7.34 -21.39 -9.92
C SER A 291 8.40 -20.93 -8.91
N GLN A 292 8.97 -19.73 -9.10
CA GLN A 292 10.00 -19.26 -8.18
C GLN A 292 9.42 -18.91 -6.79
N LEU A 293 8.23 -18.31 -6.75
CA LEU A 293 7.59 -18.02 -5.47
C LEU A 293 7.32 -19.30 -4.68
N VAL A 294 6.71 -20.27 -5.32
CA VAL A 294 6.41 -21.52 -4.63
C VAL A 294 7.70 -22.19 -4.16
N TYR A 295 8.70 -22.29 -5.04
CA TYR A 295 9.95 -22.92 -4.61
C TYR A 295 10.60 -22.17 -3.45
N HIS A 296 10.53 -20.84 -3.50
CA HIS A 296 11.05 -20.02 -2.41
C HIS A 296 10.37 -20.34 -1.09
N LEU A 297 9.05 -20.51 -1.09
CA LEU A 297 8.33 -20.75 0.16
C LEU A 297 8.47 -22.19 0.66
N PHE A 298 8.48 -23.17 -0.25
CA PHE A 298 8.38 -24.58 0.08
C PHE A 298 9.58 -25.45 -0.28
N GLY A 299 10.55 -24.96 -1.04
CA GLY A 299 11.66 -25.83 -1.39
C GLY A 299 11.29 -26.89 -2.40
N THR A 300 10.14 -26.73 -3.05
CA THR A 300 9.62 -27.67 -4.04
C THR A 300 8.63 -26.89 -4.90
N TYR A 301 8.30 -27.43 -6.07
CA TYR A 301 7.28 -26.82 -6.94
C TYR A 301 5.90 -27.41 -6.72
N LYS A 302 5.77 -28.44 -5.89
CA LYS A 302 4.49 -29.11 -5.68
C LYS A 302 3.96 -28.79 -4.29
N ILE A 303 2.68 -28.42 -4.20
CA ILE A 303 2.08 -28.11 -2.91
C ILE A 303 0.85 -28.97 -2.73
N SER A 304 0.41 -29.07 -1.47
CA SER A 304 -0.83 -29.75 -1.15
C SER A 304 -1.90 -28.70 -0.87
N TYR A 305 -3.11 -28.92 -1.38
CA TYR A 305 -4.21 -27.98 -1.16
C TYR A 305 -5.49 -28.75 -0.91
N ASN A 306 -6.16 -28.45 0.20
CA ASN A 306 -7.42 -29.10 0.53
C ASN A 306 -8.55 -28.36 -0.21
N LYS A 307 -8.66 -28.64 -1.51
CA LYS A 307 -9.68 -28.00 -2.34
C LYS A 307 -11.08 -28.17 -1.73
N ASP A 308 -11.32 -29.32 -1.09
CA ASP A 308 -12.62 -29.63 -0.50
C ASP A 308 -12.59 -29.54 1.02
N GLY A 309 -11.74 -28.69 1.57
CA GLY A 309 -11.76 -28.45 2.99
C GLY A 309 -11.00 -29.49 3.79
N PRO A 310 -10.82 -29.21 5.09
CA PRO A 310 -9.93 -30.06 5.90
C PRO A 310 -10.44 -31.46 6.13
N GLU A 311 -11.74 -31.69 5.98
CA GLU A 311 -12.28 -33.01 6.23
C GLU A 311 -12.14 -33.96 5.05
N ASN A 312 -11.66 -33.47 3.90
CA ASN A 312 -11.54 -34.29 2.70
C ASN A 312 -10.08 -34.36 2.25
N GLN A 313 -9.78 -35.37 1.44
CA GLN A 313 -8.43 -35.54 0.92
C GLN A 313 -7.99 -34.27 0.18
N PRO A 314 -6.73 -33.88 0.27
CA PRO A 314 -6.22 -32.76 -0.53
C PRO A 314 -5.82 -33.23 -1.94
N ILE A 315 -5.51 -32.26 -2.79
CA ILE A 315 -4.90 -32.52 -4.09
C ILE A 315 -3.52 -31.91 -4.08
N GLU A 316 -2.67 -32.39 -4.98
CA GLU A 316 -1.38 -31.76 -5.20
C GLU A 316 -1.50 -30.80 -6.38
N ILE A 317 -0.96 -29.58 -6.23
CA ILE A 317 -0.88 -28.62 -7.32
C ILE A 317 0.59 -28.47 -7.68
N ASP A 318 0.92 -28.77 -8.93
CA ASP A 318 2.30 -28.73 -9.40
C ASP A 318 2.52 -27.43 -10.13
N PHE A 319 3.41 -26.59 -9.61
CA PHE A 319 3.76 -25.33 -10.24
C PHE A 319 4.99 -25.42 -11.15
N THR A 320 5.45 -26.63 -11.48
CA THR A 320 6.52 -26.80 -12.48
C THR A 320 6.06 -26.24 -13.82
N PRO A 321 6.78 -25.29 -14.41
CA PRO A 321 6.37 -24.74 -15.72
C PRO A 321 6.81 -25.68 -16.83
N PRO A 322 6.27 -25.55 -18.06
CA PRO A 322 5.27 -24.55 -18.46
C PRO A 322 3.87 -24.98 -18.04
N TYR A 323 2.93 -24.07 -18.11
CA TYR A 323 1.53 -24.36 -17.77
C TYR A 323 0.69 -24.40 -19.03
N PRO A 324 -0.39 -25.19 -19.04
CA PRO A 324 -1.23 -25.29 -20.25
C PRO A 324 -1.89 -23.97 -20.61
N LYS A 325 -2.18 -23.81 -21.90
CA LYS A 325 -2.89 -22.65 -22.44
C LYS A 325 -4.15 -23.11 -23.18
N VAL A 326 -5.29 -22.56 -22.82
CA VAL A 326 -6.58 -23.02 -23.32
C VAL A 326 -7.28 -21.82 -23.92
N SER A 327 -7.51 -21.83 -25.24
CA SER A 327 -8.18 -20.70 -25.89
C SER A 327 -9.67 -20.76 -25.61
N ILE A 328 -10.21 -19.64 -25.10
CA ILE A 328 -11.55 -19.68 -24.48
C ILE A 328 -12.62 -20.03 -25.50
N VAL A 329 -12.65 -19.34 -26.65
CA VAL A 329 -13.74 -19.57 -27.61
C VAL A 329 -13.66 -20.99 -28.17
N GLU A 330 -12.46 -21.41 -28.59
CA GLU A 330 -12.27 -22.76 -29.10
C GLU A 330 -12.67 -23.82 -28.07
N GLU A 331 -12.31 -23.63 -26.79
CA GLU A 331 -12.69 -24.63 -25.81
C GLU A 331 -14.21 -24.65 -25.58
N ILE A 332 -14.85 -23.47 -25.53
CA ILE A 332 -16.30 -23.43 -25.39
C ILE A 332 -16.98 -24.11 -26.58
N GLU A 333 -16.44 -23.92 -27.78
CA GLU A 333 -17.04 -24.55 -28.95
C GLU A 333 -16.91 -26.07 -28.88
N LYS A 334 -15.73 -26.57 -28.49
CA LYS A 334 -15.55 -28.02 -28.36
C LYS A 334 -16.48 -28.60 -27.30
N VAL A 335 -16.59 -27.92 -26.16
CA VAL A 335 -17.39 -28.48 -25.08
C VAL A 335 -18.88 -28.46 -25.41
N THR A 336 -19.38 -27.37 -26.00
CA THR A 336 -20.78 -27.23 -26.33
C THR A 336 -21.12 -27.75 -27.71
N ASN A 337 -20.12 -28.20 -28.48
CA ASN A 337 -20.33 -28.70 -29.83
C ASN A 337 -21.07 -27.66 -30.69
N THR A 338 -20.59 -26.42 -30.61
CA THR A 338 -21.18 -25.30 -31.31
C THR A 338 -20.10 -24.54 -32.07
N ILE A 339 -20.53 -23.75 -33.03
CA ILE A 339 -19.73 -22.70 -33.64
C ILE A 339 -20.36 -21.37 -33.24
N LEU A 340 -19.56 -20.49 -32.65
CA LEU A 340 -20.03 -19.17 -32.24
C LEU A 340 -19.51 -18.16 -33.25
N GLU A 341 -20.25 -17.96 -34.34
CA GLU A 341 -19.74 -17.17 -35.45
C GLU A 341 -19.62 -15.69 -35.08
N GLN A 342 -18.60 -15.05 -35.63
CA GLN A 342 -18.41 -13.62 -35.39
C GLN A 342 -19.32 -12.80 -36.30
N PRO A 343 -19.68 -11.57 -35.87
CA PRO A 343 -19.33 -10.95 -34.58
C PRO A 343 -19.99 -11.63 -33.38
N PHE A 344 -19.25 -11.78 -32.27
CA PHE A 344 -19.76 -12.49 -31.10
C PHE A 344 -20.97 -11.80 -30.48
N ASP A 345 -21.12 -10.49 -30.69
CA ASP A 345 -22.25 -9.77 -30.10
C ASP A 345 -23.39 -9.59 -31.09
N SER A 346 -23.38 -10.35 -32.18
CA SER A 346 -24.53 -10.35 -33.09
C SER A 346 -25.73 -10.98 -32.42
N ASN A 347 -26.92 -10.66 -32.92
CA ASN A 347 -28.13 -11.20 -32.31
C ASN A 347 -28.19 -12.71 -32.45
N GLU A 348 -27.74 -13.25 -33.58
CA GLU A 348 -27.75 -14.70 -33.75
C GLU A 348 -26.81 -15.38 -32.76
N THR A 349 -25.60 -14.86 -32.58
CA THR A 349 -24.68 -15.53 -31.67
C THR A 349 -25.10 -15.36 -30.22
N ILE A 350 -25.68 -14.21 -29.88
CA ILE A 350 -26.22 -14.04 -28.53
C ILE A 350 -27.34 -15.05 -28.29
N GLU A 351 -28.24 -15.21 -29.25
CA GLU A 351 -29.34 -16.16 -29.06
C GLU A 351 -28.83 -17.59 -28.94
N LYS A 352 -27.86 -17.98 -29.76
CA LYS A 352 -27.24 -19.29 -29.64
C LYS A 352 -26.64 -19.50 -28.25
N MET A 353 -25.91 -18.51 -27.73
CA MET A 353 -25.33 -18.66 -26.41
C MET A 353 -26.40 -18.79 -25.34
N ILE A 354 -27.44 -17.97 -25.43
CA ILE A 354 -28.55 -18.06 -24.49
C ILE A 354 -29.18 -19.45 -24.55
N ASN A 355 -29.24 -20.04 -25.75
CA ASN A 355 -29.89 -21.35 -25.88
C ASN A 355 -29.02 -22.44 -25.27
N ILE A 356 -27.70 -22.34 -25.43
CA ILE A 356 -26.82 -23.24 -24.69
C ILE A 356 -27.08 -23.13 -23.19
N ILE A 357 -27.14 -21.90 -22.69
CA ILE A 357 -27.26 -21.70 -21.26
C ILE A 357 -28.58 -22.27 -20.74
N LYS A 358 -29.67 -22.05 -21.48
CA LYS A 358 -30.96 -22.59 -21.08
C LYS A 358 -30.99 -24.12 -21.20
N GLU A 359 -30.40 -24.67 -22.27
CA GLU A 359 -30.41 -26.12 -22.47
C GLU A 359 -29.69 -26.84 -21.34
N HIS A 360 -28.74 -26.18 -20.69
CA HIS A 360 -27.95 -26.79 -19.63
C HIS A 360 -28.39 -26.38 -18.23
N LYS A 361 -29.51 -25.67 -18.08
CA LYS A 361 -29.98 -25.21 -16.76
C LYS A 361 -28.96 -24.32 -16.07
N ILE A 362 -28.12 -23.65 -16.84
CA ILE A 362 -27.18 -22.69 -16.26
C ILE A 362 -27.92 -21.37 -16.03
N GLU A 363 -27.56 -20.66 -14.96
CA GLU A 363 -28.29 -19.42 -14.65
C GLU A 363 -27.98 -18.36 -15.71
N LEU A 364 -28.98 -17.59 -16.09
CA LEU A 364 -28.85 -16.69 -17.24
C LEU A 364 -28.37 -15.33 -16.77
N PRO A 365 -27.23 -14.83 -17.28
CA PRO A 365 -26.75 -13.52 -16.84
C PRO A 365 -27.77 -12.42 -17.12
N ASN A 366 -27.77 -11.42 -16.25
CA ASN A 366 -28.74 -10.33 -16.30
C ASN A 366 -28.02 -8.99 -16.30
N PRO A 367 -28.05 -8.22 -17.40
CA PRO A 367 -28.67 -8.59 -18.68
C PRO A 367 -27.80 -9.57 -19.47
N PRO A 368 -28.35 -10.26 -20.47
CA PRO A 368 -27.58 -11.28 -21.20
C PRO A 368 -26.79 -10.71 -22.37
N THR A 369 -25.83 -9.85 -22.06
CA THR A 369 -24.91 -9.33 -23.06
C THR A 369 -24.01 -10.45 -23.58
N ALA A 370 -23.44 -10.23 -24.76
CA ALA A 370 -22.57 -11.25 -25.33
C ALA A 370 -21.38 -11.51 -24.43
N ALA A 371 -20.80 -10.45 -23.84
CA ALA A 371 -19.61 -10.64 -23.01
C ALA A 371 -19.96 -11.41 -21.73
N LYS A 372 -21.09 -11.08 -21.10
CA LYS A 372 -21.45 -11.80 -19.88
C LYS A 372 -21.83 -13.23 -20.17
N LEU A 373 -22.43 -13.49 -21.34
CA LEU A 373 -22.76 -14.85 -21.74
C LEU A 373 -21.49 -15.66 -21.97
N LEU A 374 -20.50 -15.08 -22.66
CA LEU A 374 -19.21 -15.74 -22.79
C LEU A 374 -18.62 -16.06 -21.44
N ASP A 375 -18.66 -15.08 -20.53
CA ASP A 375 -18.05 -15.30 -19.22
C ASP A 375 -18.76 -16.41 -18.46
N GLN A 376 -20.08 -16.48 -18.59
CA GLN A 376 -20.84 -17.52 -17.90
C GLN A 376 -20.58 -18.89 -18.50
N LEU A 377 -20.50 -18.97 -19.83
CA LEU A 377 -20.11 -20.23 -20.49
C LEU A 377 -18.74 -20.70 -20.01
N ALA A 378 -17.77 -19.78 -19.92
CA ALA A 378 -16.44 -20.15 -19.46
C ALA A 378 -16.44 -20.60 -18.01
N SER A 379 -17.16 -19.87 -17.16
CA SER A 379 -17.28 -20.23 -15.76
C SER A 379 -17.88 -21.61 -15.57
N HIS A 380 -18.87 -21.96 -16.37
CA HIS A 380 -19.47 -23.27 -16.14
C HIS A 380 -18.75 -24.40 -16.86
N PHE A 381 -18.05 -24.12 -17.94
CA PHE A 381 -17.55 -25.18 -18.81
C PHE A 381 -16.05 -25.39 -18.80
N ILE A 382 -15.21 -24.36 -18.56
CA ILE A 382 -13.79 -24.55 -18.87
C ILE A 382 -12.82 -24.16 -17.75
N GLU A 383 -13.29 -23.45 -16.73
CA GLU A 383 -12.33 -22.91 -15.76
C GLU A 383 -11.80 -23.96 -14.79
N ASN A 384 -12.31 -25.19 -14.83
CA ASN A 384 -11.76 -26.30 -14.06
C ASN A 384 -11.13 -27.36 -14.95
N LYS A 385 -10.61 -26.97 -16.12
CA LYS A 385 -10.04 -27.98 -17.01
C LYS A 385 -8.86 -28.67 -16.33
N TYR A 386 -8.04 -27.92 -15.59
CA TYR A 386 -6.95 -28.46 -14.79
C TYR A 386 -7.11 -28.06 -13.32
N ASN A 387 -6.93 -29.01 -12.40
CA ASN A 387 -6.83 -28.66 -10.99
C ASN A 387 -5.49 -29.03 -10.34
N ASP A 388 -4.77 -29.98 -10.89
CA ASP A 388 -3.51 -30.37 -10.28
C ASP A 388 -2.35 -29.54 -10.79
N LYS A 389 -2.63 -28.45 -11.48
CA LYS A 389 -1.62 -27.50 -11.93
C LYS A 389 -2.34 -26.20 -12.26
N PRO A 390 -1.69 -25.05 -12.15
CA PRO A 390 -2.30 -23.82 -12.67
C PRO A 390 -2.42 -23.93 -14.18
N PHE A 391 -3.34 -23.16 -14.75
CA PHE A 391 -3.33 -23.07 -16.21
C PHE A 391 -3.84 -21.71 -16.68
N PHE A 392 -3.59 -21.39 -17.94
CA PHE A 392 -4.02 -20.14 -18.56
C PHE A 392 -5.23 -20.36 -19.47
N ILE A 393 -6.23 -19.50 -19.35
CA ILE A 393 -7.22 -19.35 -20.39
C ILE A 393 -6.83 -18.12 -21.20
N VAL A 394 -6.80 -18.25 -22.53
CA VAL A 394 -6.14 -17.24 -23.36
C VAL A 394 -7.03 -16.82 -24.53
N GLU A 395 -6.67 -15.68 -25.11
CA GLU A 395 -7.19 -15.21 -26.40
C GLU A 395 -8.70 -14.88 -26.32
N HIS A 396 -9.09 -14.17 -25.27
CA HIS A 396 -10.48 -13.77 -25.07
C HIS A 396 -10.93 -12.84 -26.21
N PRO A 397 -12.20 -12.92 -26.59
CA PRO A 397 -12.73 -11.96 -27.57
C PRO A 397 -12.56 -10.51 -27.15
N GLN A 398 -12.43 -9.63 -28.15
CA GLN A 398 -12.34 -8.20 -27.89
C GLN A 398 -13.52 -7.70 -27.05
N ILE A 399 -14.72 -8.23 -27.28
CA ILE A 399 -15.89 -7.67 -26.60
C ILE A 399 -15.88 -7.97 -25.12
N MET A 400 -15.07 -8.94 -24.68
CA MET A 400 -14.86 -9.19 -23.26
C MET A 400 -13.69 -8.43 -22.69
N SER A 401 -12.93 -7.73 -23.53
CA SER A 401 -11.58 -7.29 -23.19
C SER A 401 -11.37 -5.90 -23.79
N PRO A 402 -12.11 -4.90 -23.31
CA PRO A 402 -12.11 -3.57 -23.98
C PRO A 402 -10.78 -2.83 -23.89
N LEU A 403 -9.84 -3.27 -23.07
CA LEU A 403 -8.55 -2.60 -22.90
C LEU A 403 -7.37 -3.40 -23.41
N ALA A 404 -7.63 -4.55 -24.03
CA ALA A 404 -6.60 -5.46 -24.51
C ALA A 404 -6.46 -5.34 -26.02
N LYS A 405 -5.24 -5.51 -26.50
CA LYS A 405 -4.93 -5.29 -27.92
C LYS A 405 -5.48 -6.41 -28.78
N TYR A 406 -6.08 -6.03 -29.91
CA TYR A 406 -6.49 -6.98 -30.93
C TYR A 406 -5.38 -7.97 -31.23
N HIS A 407 -5.79 -9.22 -31.42
CA HIS A 407 -4.87 -10.33 -31.60
C HIS A 407 -4.23 -10.27 -32.98
N ARG A 408 -2.89 -10.42 -33.02
CA ARG A 408 -2.19 -10.12 -34.26
C ARG A 408 -2.45 -11.14 -35.37
N THR A 409 -3.03 -12.30 -35.09
CA THR A 409 -3.33 -13.26 -36.15
C THR A 409 -4.73 -13.88 -36.08
N LYS A 410 -5.51 -13.61 -35.03
CA LYS A 410 -6.86 -14.17 -34.87
C LYS A 410 -7.87 -13.03 -34.75
N PRO A 411 -8.49 -12.62 -35.85
CA PRO A 411 -9.43 -11.48 -35.78
C PRO A 411 -10.58 -11.71 -34.81
N GLY A 412 -10.99 -10.63 -34.16
CA GLY A 412 -12.02 -10.65 -33.14
C GLY A 412 -11.54 -11.00 -31.73
N LEU A 413 -10.36 -11.60 -31.57
CA LEU A 413 -9.81 -11.95 -30.27
C LEU A 413 -8.77 -10.92 -29.83
N THR A 414 -8.19 -11.12 -28.63
CA THR A 414 -7.17 -10.24 -28.08
C THR A 414 -6.02 -11.09 -27.52
N GLU A 415 -4.88 -10.44 -27.29
CA GLU A 415 -3.70 -11.12 -26.75
C GLU A 415 -3.75 -11.10 -25.22
N ARG A 416 -4.66 -11.92 -24.68
CA ARG A 416 -4.99 -11.88 -23.26
C ARG A 416 -4.78 -13.27 -22.64
N LEU A 417 -4.40 -13.28 -21.36
CA LEU A 417 -4.25 -14.51 -20.58
C LEU A 417 -4.82 -14.31 -19.19
N GLU A 418 -5.49 -15.34 -18.65
CA GLU A 418 -5.89 -15.35 -17.26
C GLU A 418 -5.34 -16.64 -16.67
N MET A 419 -4.72 -16.58 -15.49
CA MET A 419 -4.28 -17.81 -14.84
C MET A 419 -5.28 -18.22 -13.77
N PHE A 420 -5.62 -19.51 -13.77
CA PHE A 420 -6.55 -20.12 -12.82
C PHE A 420 -5.81 -21.16 -12.00
N ILE A 421 -6.18 -21.22 -10.72
CA ILE A 421 -5.75 -22.29 -9.81
C ILE A 421 -7.01 -22.83 -9.13
N CYS A 422 -7.23 -24.14 -9.26
CA CYS A 422 -8.40 -24.79 -8.69
C CYS A 422 -9.67 -24.04 -9.02
N GLY A 423 -9.81 -23.66 -10.28
CA GLY A 423 -11.03 -23.01 -10.70
C GLY A 423 -11.16 -21.52 -10.38
N LYS A 424 -10.16 -20.90 -9.74
CA LYS A 424 -10.26 -19.49 -9.32
C LYS A 424 -9.22 -18.63 -10.02
N GLU A 425 -9.67 -17.50 -10.56
CA GLU A 425 -8.78 -16.59 -11.29
C GLU A 425 -7.86 -15.86 -10.32
N VAL A 426 -6.55 -15.92 -10.58
CA VAL A 426 -5.57 -15.21 -9.78
C VAL A 426 -4.72 -14.23 -10.58
N LEU A 427 -4.80 -14.24 -11.91
CA LEU A 427 -3.93 -13.41 -12.76
C LEU A 427 -4.71 -13.03 -14.01
N ASN A 428 -4.51 -11.79 -14.49
CA ASN A 428 -5.20 -11.29 -15.69
C ASN A 428 -4.20 -10.37 -16.39
N ALA A 429 -3.83 -10.66 -17.63
CA ALA A 429 -2.76 -9.90 -18.28
C ALA A 429 -3.02 -9.82 -19.77
N TYR A 430 -2.41 -8.81 -20.43
CA TYR A 430 -2.51 -8.78 -21.89
C TYR A 430 -1.52 -7.80 -22.52
N THR A 431 -1.33 -7.97 -23.83
CA THR A 431 -0.78 -6.90 -24.65
C THR A 431 -1.75 -5.72 -24.58
N GLU A 432 -1.25 -4.57 -24.21
CA GLU A 432 -2.10 -3.42 -23.93
C GLU A 432 -2.65 -2.79 -25.21
N LEU A 433 -3.93 -2.49 -25.22
CA LEU A 433 -4.47 -1.72 -26.34
C LEU A 433 -3.86 -0.32 -26.32
N ASN A 434 -3.20 0.09 -27.43
CA ASN A 434 -2.51 1.38 -27.42
C ASN A 434 -2.89 2.24 -28.61
N ASP A 435 -3.96 1.88 -29.31
CA ASP A 435 -4.52 2.70 -30.38
C ASP A 435 -5.70 3.49 -29.81
N PRO A 436 -5.59 4.82 -29.68
CA PRO A 436 -6.66 5.59 -29.02
C PRO A 436 -7.99 5.52 -29.77
N PHE A 437 -7.93 5.40 -31.09
CA PHE A 437 -9.14 5.27 -31.90
C PHE A 437 -9.88 3.97 -31.59
N LYS A 438 -9.14 2.85 -31.58
CA LYS A 438 -9.73 1.58 -31.18
C LYS A 438 -10.19 1.62 -29.73
N GLN A 439 -9.42 2.26 -28.85
CA GLN A 439 -9.84 2.34 -27.46
C GLN A 439 -11.20 3.00 -27.33
N LYS A 440 -11.41 4.10 -28.07
CA LYS A 440 -12.70 4.75 -28.01
C LYS A 440 -13.79 3.84 -28.54
N GLU A 441 -13.53 3.13 -29.64
CA GLU A 441 -14.52 2.18 -30.14
C GLU A 441 -14.90 1.19 -29.05
N CYS A 442 -13.91 0.68 -28.31
CA CYS A 442 -14.19 -0.32 -27.30
C CYS A 442 -15.05 0.26 -26.17
N PHE A 443 -14.70 1.46 -25.70
CA PHE A 443 -15.54 2.11 -24.70
C PHE A 443 -16.97 2.30 -25.21
N LYS A 444 -17.12 2.65 -26.49
CA LYS A 444 -18.46 2.81 -27.06
C LYS A 444 -19.29 1.52 -26.97
N LEU A 445 -18.67 0.40 -27.31
CA LEU A 445 -19.37 -0.88 -27.18
C LEU A 445 -19.77 -1.15 -25.73
N GLN A 446 -18.82 -0.96 -24.80
CA GLN A 446 -19.13 -1.17 -23.39
C GLN A 446 -20.31 -0.30 -22.97
N GLN A 447 -20.41 0.89 -23.53
CA GLN A 447 -21.51 1.78 -23.15
C GLN A 447 -22.85 1.25 -23.66
N LYS A 448 -22.87 0.67 -24.86
CA LYS A 448 -24.08 -0.01 -25.33
C LYS A 448 -24.56 -1.05 -24.31
N ASP A 449 -23.60 -1.81 -23.77
CA ASP A 449 -23.96 -2.79 -22.73
C ASP A 449 -24.45 -2.10 -21.45
N ARG A 450 -23.79 -1.01 -21.05
CA ARG A 450 -24.25 -0.26 -19.89
C ARG A 450 -25.71 0.13 -20.05
N GLU A 451 -26.07 0.63 -21.24
CA GLU A 451 -27.44 1.01 -21.53
C GLU A 451 -28.39 -0.18 -21.55
N LYS A 452 -27.90 -1.38 -21.84
CA LYS A 452 -28.76 -2.56 -21.68
C LYS A 452 -28.99 -2.96 -20.24
N GLY A 453 -28.25 -2.38 -19.28
CA GLY A 453 -28.38 -2.74 -17.88
C GLY A 453 -27.15 -3.33 -17.23
N ASP A 454 -26.01 -3.35 -17.93
CA ASP A 454 -24.77 -3.89 -17.38
C ASP A 454 -24.11 -2.82 -16.51
N THR A 455 -24.39 -2.87 -15.21
CA THR A 455 -23.81 -1.93 -14.26
C THR A 455 -22.34 -2.17 -14.02
N GLU A 456 -21.76 -3.16 -14.67
CA GLU A 456 -20.34 -3.44 -14.54
C GLU A 456 -19.55 -3.11 -15.79
N ALA A 457 -20.22 -2.77 -16.90
CA ALA A 457 -19.50 -2.39 -18.10
C ALA A 457 -18.73 -1.10 -17.84
N ALA A 458 -17.59 -0.96 -18.51
CA ALA A 458 -16.72 0.18 -18.29
C ALA A 458 -17.28 1.45 -18.93
N GLN A 459 -17.09 2.58 -18.26
CA GLN A 459 -17.56 3.88 -18.75
C GLN A 459 -16.40 4.63 -19.40
N LEU A 460 -16.69 5.35 -20.49
CA LEU A 460 -15.65 6.02 -21.25
C LEU A 460 -14.85 6.96 -20.36
N ASP A 461 -13.53 6.85 -20.41
CA ASP A 461 -12.63 7.77 -19.73
C ASP A 461 -11.89 8.58 -20.78
N SER A 462 -12.39 9.79 -21.04
CA SER A 462 -11.77 10.61 -22.09
C SER A 462 -10.35 11.03 -21.73
N ALA A 463 -10.07 11.34 -20.46
CA ALA A 463 -8.70 11.68 -20.10
C ALA A 463 -7.74 10.54 -20.42
N PHE A 464 -8.15 9.30 -20.18
CA PHE A 464 -7.28 8.17 -20.53
C PHE A 464 -7.05 8.08 -22.04
N CYS A 465 -8.12 8.22 -22.84
CA CYS A 465 -7.96 8.14 -24.29
C CYS A 465 -7.03 9.24 -24.79
N THR A 466 -7.14 10.42 -24.16
CA THR A 466 -6.24 11.54 -24.49
C THR A 466 -4.80 11.19 -24.22
N SER A 467 -4.51 10.60 -23.04
CA SER A 467 -3.15 10.13 -22.79
C SER A 467 -2.67 9.21 -23.89
N LEU A 468 -3.55 8.32 -24.37
CA LEU A 468 -3.16 7.42 -25.45
C LEU A 468 -2.83 8.18 -26.74
N GLU A 469 -3.47 9.33 -26.94
CA GLU A 469 -3.15 10.10 -28.14
C GLU A 469 -1.75 10.72 -28.11
N TYR A 470 -1.04 10.65 -26.99
CA TYR A 470 0.33 11.11 -26.96
C TYR A 470 1.33 9.99 -27.16
N GLY A 471 0.86 8.77 -27.38
CA GLY A 471 1.69 7.67 -27.78
C GLY A 471 2.00 6.75 -26.61
N LEU A 472 1.22 5.68 -26.50
CA LEU A 472 1.55 4.62 -25.57
C LEU A 472 2.43 3.61 -26.29
N PRO A 473 3.68 3.44 -25.90
CA PRO A 473 4.51 2.41 -26.54
C PRO A 473 3.81 1.06 -26.48
N PRO A 474 4.10 0.14 -27.40
CA PRO A 474 3.62 -1.24 -27.20
C PRO A 474 4.07 -1.71 -25.82
N THR A 475 3.13 -2.32 -25.08
CA THR A 475 3.29 -2.53 -23.66
C THR A 475 2.54 -3.79 -23.27
N GLY A 476 3.08 -4.51 -22.27
CA GLY A 476 2.38 -5.64 -21.68
C GLY A 476 2.04 -5.36 -20.22
N GLY A 477 0.80 -5.59 -19.78
CA GLY A 477 0.44 -5.34 -18.39
C GLY A 477 -0.16 -6.57 -17.76
N LEU A 478 -0.06 -6.65 -16.43
CA LEU A 478 -0.49 -7.84 -15.72
C LEU A 478 -0.99 -7.48 -14.32
N GLY A 479 -2.03 -8.17 -13.88
CA GLY A 479 -2.55 -7.99 -12.52
C GLY A 479 -2.58 -9.33 -11.82
N LEU A 480 -2.31 -9.31 -10.51
CA LEU A 480 -2.37 -10.45 -9.60
C LEU A 480 -3.34 -10.20 -8.45
N GLY A 481 -4.12 -11.23 -8.09
CA GLY A 481 -4.96 -11.14 -6.92
C GLY A 481 -4.23 -11.71 -5.73
N ILE A 482 -3.61 -10.84 -4.92
CA ILE A 482 -2.68 -11.28 -3.87
C ILE A 482 -3.40 -12.18 -2.86
N ASP A 483 -4.63 -11.84 -2.49
CA ASP A 483 -5.35 -12.61 -1.47
C ASP A 483 -5.60 -14.04 -1.93
N ARG A 484 -6.09 -14.22 -3.16
CA ARG A 484 -6.36 -15.59 -3.64
C ARG A 484 -5.07 -16.41 -3.76
N ILE A 485 -4.00 -15.78 -4.26
CA ILE A 485 -2.69 -16.45 -4.26
C ILE A 485 -2.31 -16.92 -2.86
N THR A 486 -2.45 -16.01 -1.87
CA THR A 486 -2.13 -16.37 -0.48
C THR A 486 -3.02 -17.52 0.03
N MET A 487 -4.33 -17.51 -0.30
CA MET A 487 -5.20 -18.64 0.05
C MET A 487 -4.60 -19.97 -0.42
N PHE A 488 -4.21 -20.05 -1.70
CA PHE A 488 -3.67 -21.34 -2.14
C PHE A 488 -2.34 -21.68 -1.48
N LEU A 489 -1.51 -20.69 -1.19
CA LEU A 489 -0.19 -21.02 -0.64
C LEU A 489 -0.20 -21.19 0.88
N THR A 490 -1.34 -20.94 1.54
CA THR A 490 -1.49 -21.19 2.97
C THR A 490 -2.55 -22.24 3.22
N ASN A 491 -3.04 -22.90 2.18
CA ASN A 491 -4.04 -23.96 2.29
C ASN A 491 -5.33 -23.48 2.96
N LYS A 492 -5.87 -22.35 2.49
CA LYS A 492 -7.12 -21.81 2.98
C LYS A 492 -8.20 -21.89 1.92
N ASN A 493 -9.43 -22.12 2.38
CA ASN A 493 -10.60 -22.21 1.53
C ASN A 493 -11.38 -20.91 1.48
N SER A 494 -11.08 -19.97 2.34
CA SER A 494 -11.81 -18.71 2.39
C SER A 494 -10.85 -17.54 2.42
N ILE A 495 -11.18 -16.51 1.65
CA ILE A 495 -10.38 -15.29 1.67
C ILE A 495 -10.39 -14.66 3.06
N LYS A 496 -11.40 -14.97 3.89
CA LYS A 496 -11.46 -14.45 5.25
C LYS A 496 -10.31 -14.94 6.08
N ASP A 497 -9.68 -16.06 5.69
CA ASP A 497 -8.57 -16.59 6.46
C ASP A 497 -7.24 -15.95 6.12
N VAL A 498 -7.16 -15.06 5.12
CA VAL A 498 -5.89 -14.44 4.76
C VAL A 498 -5.98 -12.91 4.82
N ILE A 499 -7.06 -12.37 5.33
CA ILE A 499 -7.23 -10.95 5.54
C ILE A 499 -7.42 -10.75 7.03
N LEU A 500 -6.65 -9.84 7.62
CA LEU A 500 -6.66 -9.71 9.07
C LEU A 500 -8.05 -9.37 9.58
N PHE A 501 -8.72 -8.41 8.94
CA PHE A 501 -10.04 -7.92 9.35
C PHE A 501 -11.01 -7.94 8.16
N PRO A 502 -11.48 -9.11 7.77
CA PRO A 502 -12.35 -9.18 6.59
C PRO A 502 -13.68 -8.51 6.86
N THR A 503 -14.32 -8.04 5.79
CA THR A 503 -15.59 -7.32 5.95
C THR A 503 -16.65 -8.31 6.46
N MET A 504 -17.28 -8.01 7.58
CA MET A 504 -18.29 -8.90 8.13
C MET A 504 -19.63 -8.17 8.24
N ARG A 505 -20.72 -8.93 8.12
CA ARG A 505 -22.02 -8.37 8.43
C ARG A 505 -21.98 -7.90 9.88
N PRO A 506 -22.42 -6.67 10.17
CA PRO A 506 -22.42 -6.21 11.57
C PRO A 506 -23.26 -7.10 12.47
N ALA A 507 -22.85 -7.16 13.73
CA ALA A 507 -23.47 -8.04 14.71
C ALA A 507 -24.76 -7.42 15.28
N ASP B 4 -4.32 25.52 -34.86
CA ASP B 4 -3.11 24.91 -35.42
C ASP B 4 -2.77 23.56 -34.76
N PRO B 5 -2.84 23.46 -33.42
CA PRO B 5 -2.73 22.12 -32.81
C PRO B 5 -3.90 21.23 -33.16
N ARG B 6 -5.11 21.81 -33.30
CA ARG B 6 -6.27 21.04 -33.74
C ARG B 6 -6.02 20.42 -35.11
N LEU B 7 -5.44 21.20 -36.02
CA LEU B 7 -5.19 20.71 -37.37
C LEU B 7 -4.05 19.70 -37.38
N TYR B 8 -3.03 19.94 -36.56
CA TYR B 8 -1.98 18.95 -36.37
C TYR B 8 -2.58 17.60 -35.98
N PHE B 9 -3.47 17.61 -34.98
CA PHE B 9 -4.09 16.37 -34.48
C PHE B 9 -4.95 15.72 -35.56
N GLU B 10 -5.71 16.54 -36.30
CA GLU B 10 -6.54 15.98 -37.36
C GLU B 10 -5.68 15.31 -38.43
N ASN B 11 -4.60 15.99 -38.86
CA ASN B 11 -3.71 15.45 -39.88
C ASN B 11 -3.03 14.17 -39.41
N ARG B 12 -2.63 14.12 -38.14
CA ARG B 12 -1.97 12.92 -37.64
C ARG B 12 -2.95 11.75 -37.51
N SER B 13 -4.18 12.03 -37.05
CA SER B 13 -5.23 11.01 -37.02
C SER B 13 -5.57 10.53 -38.43
N LYS B 14 -5.56 11.45 -39.39
CA LYS B 14 -5.77 11.06 -40.78
C LYS B 14 -4.66 10.15 -41.27
N PHE B 15 -3.42 10.46 -40.88
CA PHE B 15 -2.29 9.59 -41.19
C PHE B 15 -2.53 8.18 -40.66
N ILE B 16 -3.00 8.07 -39.41
CA ILE B 16 -3.25 6.74 -38.84
C ILE B 16 -4.30 5.99 -39.66
N GLN B 17 -5.42 6.65 -39.95
CA GLN B 17 -6.46 5.97 -40.72
C GLN B 17 -5.99 5.63 -42.14
N ASP B 18 -5.20 6.52 -42.75
CA ASP B 18 -4.67 6.25 -44.08
C ASP B 18 -3.78 5.03 -44.06
N GLN B 19 -2.96 4.88 -43.02
CA GLN B 19 -2.13 3.69 -42.89
C GLN B 19 -3.00 2.43 -42.78
N LYS B 20 -4.08 2.51 -42.00
CA LYS B 20 -4.98 1.36 -41.90
C LYS B 20 -5.61 1.01 -43.25
N ASP B 21 -5.79 2.01 -44.11
CA ASP B 21 -6.25 1.72 -45.48
C ASP B 21 -5.14 1.11 -46.33
N LYS B 22 -3.98 1.77 -46.38
CA LYS B 22 -2.87 1.32 -47.23
C LYS B 22 -2.43 -0.09 -46.87
N GLY B 23 -2.82 -0.59 -45.70
CA GLY B 23 -2.49 -1.93 -45.29
C GLY B 23 -1.83 -2.02 -43.93
N ILE B 24 -0.97 -1.05 -43.61
CA ILE B 24 -0.14 -1.15 -42.41
C ILE B 24 -1.00 -1.23 -41.15
N ASN B 25 -0.49 -1.97 -40.16
CA ASN B 25 -0.92 -1.80 -38.78
C ASN B 25 -0.03 -0.69 -38.22
N PRO B 26 -0.59 0.48 -37.91
CA PRO B 26 0.25 1.62 -37.47
C PRO B 26 0.75 1.50 -36.03
N TYR B 27 0.37 0.44 -35.33
CA TYR B 27 0.74 0.18 -33.94
C TYR B 27 1.23 -1.26 -33.87
N PRO B 28 2.44 -1.53 -34.34
CA PRO B 28 2.95 -2.91 -34.31
C PRO B 28 2.85 -3.52 -32.92
N HIS B 29 2.62 -4.84 -32.89
CA HIS B 29 2.41 -5.51 -31.62
C HIS B 29 3.70 -5.61 -30.80
N LYS B 30 4.81 -5.94 -31.43
CA LYS B 30 6.00 -6.29 -30.65
C LYS B 30 7.23 -5.89 -31.42
N PHE B 31 8.14 -5.20 -30.74
CA PHE B 31 9.49 -4.94 -31.22
C PHE B 31 10.43 -5.45 -30.14
N GLU B 32 11.38 -6.31 -30.53
CA GLU B 32 12.23 -7.00 -29.56
C GLU B 32 13.55 -6.23 -29.46
N ARG B 33 13.67 -5.44 -28.45
CA ARG B 33 14.78 -4.60 -28.14
C ARG B 33 15.99 -5.38 -27.60
N THR B 34 17.21 -5.05 -27.98
CA THR B 34 18.33 -5.78 -27.43
C THR B 34 18.97 -5.08 -26.24
N ILE B 35 18.80 -3.77 -26.11
CA ILE B 35 19.48 -2.99 -25.08
C ILE B 35 18.63 -1.76 -24.80
N SER B 36 18.64 -1.32 -23.54
CA SER B 36 17.99 -0.07 -23.16
C SER B 36 18.89 1.12 -23.51
N ILE B 37 18.33 2.31 -23.40
CA ILE B 37 19.09 3.52 -23.71
C ILE B 37 20.15 3.76 -22.64
N PRO B 38 19.83 3.70 -21.33
CA PRO B 38 20.91 3.78 -20.33
C PRO B 38 22.00 2.73 -20.54
N GLU B 39 21.63 1.49 -20.86
CA GLU B 39 22.62 0.46 -21.15
C GLU B 39 23.47 0.83 -22.35
N PHE B 40 22.84 1.35 -23.40
CA PHE B 40 23.56 1.79 -24.59
C PHE B 40 24.57 2.87 -24.25
N ILE B 41 24.16 3.84 -23.44
CA ILE B 41 25.06 4.92 -23.04
C ILE B 41 26.24 4.35 -22.26
N GLU B 42 25.95 3.54 -21.26
CA GLU B 42 27.01 2.92 -20.46
C GLU B 42 28.00 2.18 -21.34
N LYS B 43 27.49 1.42 -22.31
CA LYS B 43 28.33 0.53 -23.10
C LYS B 43 29.18 1.26 -24.14
N TYR B 44 28.68 2.34 -24.75
CA TYR B 44 29.38 2.93 -25.90
C TYR B 44 29.86 4.37 -25.67
N LYS B 45 29.68 4.90 -24.46
CA LYS B 45 30.23 6.16 -23.99
C LYS B 45 31.67 6.37 -24.43
N ASP B 46 32.48 5.31 -24.39
CA ASP B 46 33.92 5.44 -24.55
C ASP B 46 34.40 5.26 -25.99
N LEU B 47 33.49 5.16 -26.95
CA LEU B 47 33.93 5.16 -28.33
C LEU B 47 34.66 6.46 -28.65
N GLY B 48 35.45 6.43 -29.72
CA GLY B 48 36.22 7.58 -30.13
C GLY B 48 35.49 8.44 -31.12
N ASN B 49 36.06 9.62 -31.36
CA ASN B 49 35.45 10.58 -32.26
C ASN B 49 35.27 9.99 -33.66
N GLY B 50 34.04 10.03 -34.16
CA GLY B 50 33.72 9.53 -35.48
C GLY B 50 33.77 8.02 -35.66
N GLU B 51 34.10 7.27 -34.61
CA GLU B 51 34.22 5.82 -34.71
C GLU B 51 32.84 5.15 -34.81
N HIS B 52 32.72 4.19 -35.72
CA HIS B 52 31.51 3.39 -35.91
C HIS B 52 31.83 1.93 -35.62
N LEU B 53 30.88 1.23 -35.00
CA LEU B 53 30.90 -0.23 -34.97
C LEU B 53 29.83 -0.77 -35.92
N GLU B 54 30.13 -0.67 -37.22
CA GLU B 54 29.10 -0.97 -38.22
C GLU B 54 28.69 -2.44 -38.24
N ASP B 55 29.47 -3.33 -37.63
CA ASP B 55 29.17 -4.75 -37.61
C ASP B 55 28.31 -5.17 -36.44
N THR B 56 28.06 -4.30 -35.47
CA THR B 56 27.26 -4.65 -34.31
C THR B 56 25.87 -4.06 -34.52
N ILE B 57 24.91 -4.92 -34.85
CA ILE B 57 23.55 -4.48 -35.10
C ILE B 57 22.77 -4.60 -33.81
N LEU B 58 22.11 -3.50 -33.43
CA LEU B 58 21.38 -3.40 -32.17
C LEU B 58 19.93 -3.03 -32.46
N ASN B 59 19.03 -3.50 -31.60
CA ASN B 59 17.62 -3.12 -31.64
C ASN B 59 17.35 -2.23 -30.43
N ILE B 60 16.92 -1.01 -30.71
CA ILE B 60 16.80 0.06 -29.72
C ILE B 60 15.41 0.69 -29.85
N THR B 61 14.81 1.10 -28.73
CA THR B 61 13.56 1.84 -28.76
C THR B 61 13.67 3.08 -27.90
N GLY B 62 12.77 4.02 -28.16
CA GLY B 62 12.65 5.22 -27.34
C GLY B 62 11.67 6.19 -27.97
N ARG B 63 11.59 7.36 -27.36
CA ARG B 63 10.72 8.44 -27.85
C ARG B 63 11.55 9.54 -28.48
N ILE B 64 11.19 9.89 -29.72
CA ILE B 64 11.75 11.03 -30.44
C ILE B 64 11.37 12.32 -29.72
N MET B 65 12.36 13.17 -29.40
CA MET B 65 12.06 14.42 -28.72
C MET B 65 12.61 15.66 -29.44
N ARG B 66 13.32 15.49 -30.55
CA ARG B 66 13.80 16.58 -31.40
C ARG B 66 13.99 16.00 -32.79
N VAL B 67 13.68 16.80 -33.80
CA VAL B 67 13.76 16.41 -35.20
C VAL B 67 14.53 17.50 -35.95
N SER B 68 15.58 17.12 -36.68
CA SER B 68 16.27 18.07 -37.55
C SER B 68 16.83 17.33 -38.77
N ALA B 69 17.41 18.10 -39.70
CA ALA B 69 17.89 17.51 -40.94
C ALA B 69 18.98 18.38 -41.53
N SER B 70 19.79 17.77 -42.39
CA SER B 70 20.84 18.45 -43.15
C SER B 70 20.75 17.95 -44.59
N GLY B 71 19.95 18.63 -45.41
CA GLY B 71 19.70 18.13 -46.74
C GLY B 71 18.74 16.96 -46.72
N GLN B 72 18.61 16.30 -47.88
CA GLN B 72 17.67 15.21 -48.06
C GLN B 72 18.24 13.84 -47.67
N LYS B 73 19.49 13.77 -47.20
CA LYS B 73 20.11 12.47 -46.93
C LYS B 73 20.65 12.33 -45.50
N LEU B 74 20.41 13.32 -44.64
CA LEU B 74 20.84 13.27 -43.26
C LEU B 74 19.66 13.68 -42.39
N ARG B 75 19.26 12.80 -41.48
CA ARG B 75 18.22 13.11 -40.51
C ARG B 75 18.81 12.93 -39.12
N PHE B 76 18.55 13.89 -38.25
CA PHE B 76 19.02 13.85 -36.87
C PHE B 76 17.83 13.88 -35.93
N PHE B 77 17.93 13.10 -34.86
CA PHE B 77 16.89 13.07 -33.84
C PHE B 77 17.53 12.95 -32.46
N ASP B 78 16.80 13.42 -31.46
CA ASP B 78 17.03 13.07 -30.06
C ASP B 78 16.10 11.90 -29.73
N LEU B 79 16.64 10.87 -29.10
CA LEU B 79 15.87 9.71 -28.67
C LEU B 79 16.04 9.55 -27.17
N VAL B 80 14.91 9.49 -26.43
CA VAL B 80 14.96 9.46 -24.97
C VAL B 80 14.36 8.16 -24.45
N GLY B 81 14.92 7.69 -23.34
CA GLY B 81 14.36 6.54 -22.66
C GLY B 81 14.90 6.46 -21.26
N ASP B 82 14.00 6.20 -20.29
CA ASP B 82 14.37 6.06 -18.87
C ASP B 82 15.14 7.28 -18.35
N GLY B 83 14.74 8.48 -18.79
CA GLY B 83 15.34 9.71 -18.33
C GLY B 83 16.68 10.08 -18.94
N GLU B 84 17.16 9.31 -19.92
CA GLU B 84 18.43 9.58 -20.59
C GLU B 84 18.19 9.72 -22.09
N LYS B 85 19.19 10.19 -22.81
CA LYS B 85 19.00 10.63 -24.18
C LYS B 85 20.24 10.28 -24.99
N ILE B 86 20.03 9.79 -26.22
CA ILE B 86 21.09 9.62 -27.20
C ILE B 86 20.66 10.32 -28.49
N GLN B 87 21.61 10.48 -29.39
CA GLN B 87 21.36 11.03 -30.70
C GLN B 87 21.02 9.90 -31.66
N VAL B 88 20.15 10.21 -32.61
CA VAL B 88 19.87 9.32 -33.73
C VAL B 88 20.46 9.99 -34.96
N LEU B 89 21.36 9.29 -35.66
CA LEU B 89 22.00 9.83 -36.87
C LEU B 89 21.65 8.94 -38.06
N ALA B 90 20.65 9.38 -38.84
CA ALA B 90 20.11 8.59 -39.94
C ALA B 90 20.76 9.06 -41.23
N ASN B 91 21.68 8.26 -41.75
CA ASN B 91 22.44 8.57 -42.95
C ASN B 91 21.97 7.66 -44.08
N TYR B 92 21.60 8.27 -45.21
CA TYR B 92 21.20 7.51 -46.39
C TYR B 92 22.22 6.40 -46.71
N SER B 93 23.50 6.65 -46.43
CA SER B 93 24.55 5.69 -46.75
C SER B 93 24.41 4.37 -46.03
N PHE B 94 23.69 4.33 -44.90
CA PHE B 94 23.47 3.10 -44.15
C PHE B 94 22.02 2.65 -44.20
N HIS B 95 21.18 3.31 -44.98
CA HIS B 95 19.77 2.97 -45.00
C HIS B 95 19.54 1.65 -45.72
N ASN B 96 18.66 0.84 -45.15
CA ASN B 96 18.23 -0.40 -45.79
C ASN B 96 17.13 -0.04 -46.78
N HIS B 97 17.52 0.22 -48.04
CA HIS B 97 16.55 0.66 -49.05
C HIS B 97 15.51 -0.40 -49.36
N GLU B 98 15.77 -1.65 -48.97
CA GLU B 98 14.79 -2.72 -49.17
C GLU B 98 13.56 -2.58 -48.30
N LYS B 99 13.58 -1.72 -47.29
CA LYS B 99 12.44 -1.51 -46.41
C LYS B 99 11.66 -0.27 -46.76
N GLY B 100 12.05 0.46 -47.80
CA GLY B 100 11.31 1.63 -48.20
C GLY B 100 12.21 2.81 -48.48
N ASN B 101 11.65 3.80 -49.16
CA ASN B 101 12.40 4.99 -49.53
C ASN B 101 12.82 5.75 -48.27
N PHE B 102 14.11 6.09 -48.21
CA PHE B 102 14.68 6.81 -47.08
C PHE B 102 13.83 8.01 -46.67
N ALA B 103 13.65 8.95 -47.60
CA ALA B 103 12.86 10.14 -47.32
C ALA B 103 11.48 9.78 -46.81
N GLU B 104 10.83 8.80 -47.43
CA GLU B 104 9.49 8.42 -47.00
C GLU B 104 9.52 7.83 -45.59
N CYS B 105 10.57 7.09 -45.25
CA CYS B 105 10.64 6.57 -43.89
C CYS B 105 10.74 7.69 -42.87
N TYR B 106 11.63 8.66 -43.09
CA TYR B 106 11.93 9.63 -42.03
C TYR B 106 11.05 10.89 -42.07
N ASP B 107 10.39 11.17 -43.19
CA ASP B 107 9.58 12.38 -43.27
C ASP B 107 8.38 12.31 -42.34
N LYS B 108 7.89 11.12 -42.04
CA LYS B 108 6.69 11.00 -41.22
C LYS B 108 6.98 11.02 -39.72
N ILE B 109 8.25 10.88 -39.32
CA ILE B 109 8.59 10.85 -37.90
C ILE B 109 8.42 12.24 -37.31
N ARG B 110 7.78 12.31 -36.15
CA ARG B 110 7.50 13.59 -35.52
C ARG B 110 7.96 13.54 -34.08
N ARG B 111 8.24 14.73 -33.54
CA ARG B 111 8.53 14.84 -32.12
C ARG B 111 7.42 14.15 -31.33
N GLY B 112 7.83 13.33 -30.36
CA GLY B 112 6.90 12.58 -29.53
C GLY B 112 6.67 11.15 -29.97
N ASP B 113 7.04 10.80 -31.19
CA ASP B 113 6.81 9.46 -31.71
C ASP B 113 7.64 8.42 -30.98
N ILE B 114 7.03 7.27 -30.67
CA ILE B 114 7.75 6.12 -30.15
C ILE B 114 8.24 5.28 -31.33
N VAL B 115 9.54 4.98 -31.36
CA VAL B 115 10.10 4.27 -32.50
C VAL B 115 10.97 3.11 -32.02
N GLY B 116 11.19 2.17 -32.92
CA GLY B 116 12.18 1.12 -32.74
C GLY B 116 13.17 1.19 -33.90
N ILE B 117 14.45 1.04 -33.56
CA ILE B 117 15.54 1.29 -34.49
C ILE B 117 16.43 0.05 -34.56
N VAL B 118 16.72 -0.40 -35.78
CA VAL B 118 17.76 -1.39 -36.04
C VAL B 118 18.96 -0.62 -36.56
N GLY B 119 20.06 -0.64 -35.82
CA GLY B 119 21.21 0.13 -36.25
C GLY B 119 22.45 -0.24 -35.48
N PHE B 120 23.49 0.57 -35.69
CA PHE B 120 24.78 0.32 -35.05
C PHE B 120 25.19 1.52 -34.23
N PRO B 121 26.00 1.32 -33.18
CA PRO B 121 26.45 2.43 -32.35
C PRO B 121 27.68 3.13 -32.92
N GLY B 122 27.81 4.40 -32.57
CA GLY B 122 28.94 5.19 -33.04
C GLY B 122 28.87 6.59 -32.49
N LYS B 123 29.88 7.38 -32.84
CA LYS B 123 29.92 8.80 -32.50
C LYS B 123 29.97 9.63 -33.77
N SER B 124 29.25 10.75 -33.77
CA SER B 124 29.27 11.65 -34.90
C SER B 124 30.64 12.29 -35.04
N LYS B 125 30.82 13.08 -36.09
CA LYS B 125 32.06 13.82 -36.24
C LYS B 125 32.29 14.77 -35.07
N LYS B 126 31.23 15.17 -34.37
CA LYS B 126 31.33 16.04 -33.20
C LYS B 126 31.34 15.27 -31.87
N GLY B 127 31.58 13.96 -31.90
CA GLY B 127 31.70 13.20 -30.68
C GLY B 127 30.41 12.88 -29.97
N GLU B 128 29.27 13.14 -30.60
CA GLU B 128 27.96 12.85 -29.99
C GLU B 128 27.62 11.38 -30.19
N LEU B 129 27.45 10.68 -29.09
CA LEU B 129 27.14 9.25 -29.12
C LEU B 129 25.76 9.04 -29.75
N SER B 130 25.73 8.19 -30.77
CA SER B 130 24.55 8.06 -31.62
C SER B 130 24.27 6.60 -31.91
N ILE B 131 22.99 6.30 -32.16
CA ILE B 131 22.61 5.10 -32.88
C ILE B 131 22.51 5.51 -34.35
N PHE B 132 23.11 4.71 -35.24
CA PHE B 132 23.01 4.95 -36.67
C PHE B 132 21.99 3.98 -37.23
N PRO B 133 20.77 4.40 -37.54
CA PRO B 133 19.77 3.43 -38.04
C PRO B 133 20.15 2.87 -39.40
N LYS B 134 19.86 1.58 -39.58
CA LYS B 134 19.63 1.01 -40.90
C LYS B 134 18.15 0.88 -41.21
N GLU B 135 17.31 0.87 -40.19
CA GLU B 135 15.87 0.98 -40.39
C GLU B 135 15.24 1.50 -39.11
N THR B 136 14.18 2.28 -39.28
CA THR B 136 13.48 2.92 -38.18
C THR B 136 11.99 2.68 -38.38
N ILE B 137 11.32 2.19 -37.34
CA ILE B 137 9.94 1.72 -37.39
C ILE B 137 9.11 2.57 -36.45
N LEU B 138 8.02 3.13 -36.95
CA LEU B 138 7.09 3.81 -36.05
C LEU B 138 6.37 2.74 -35.22
N LEU B 139 6.47 2.85 -33.90
CA LEU B 139 5.76 1.94 -33.00
C LEU B 139 4.48 2.54 -32.42
N SER B 140 4.50 3.84 -32.13
CA SER B 140 3.33 4.51 -31.59
C SER B 140 3.49 6.00 -31.82
N ALA B 141 2.61 6.57 -32.63
CA ALA B 141 2.72 7.97 -32.99
C ALA B 141 2.20 8.87 -31.87
N CYS B 142 2.84 10.01 -31.71
CA CYS B 142 2.31 11.07 -30.89
C CYS B 142 1.42 11.95 -31.77
N LEU B 143 0.12 11.97 -31.48
CA LEU B 143 -0.82 12.65 -32.35
C LEU B 143 -1.00 14.13 -32.03
N HIS B 144 -0.56 14.61 -30.86
CA HIS B 144 -0.59 16.03 -30.53
C HIS B 144 0.83 16.60 -30.54
N MET B 145 0.91 17.92 -30.62
CA MET B 145 2.17 18.61 -30.40
C MET B 145 2.49 18.63 -28.91
N LEU B 146 3.66 18.13 -28.55
CA LEU B 146 4.10 18.21 -27.17
C LEU B 146 4.45 19.65 -26.82
N PRO B 147 4.21 20.07 -25.57
CA PRO B 147 4.67 21.40 -25.16
C PRO B 147 6.20 21.46 -25.19
N MET B 148 6.72 22.67 -25.35
CA MET B 148 8.17 22.85 -25.32
C MET B 148 8.68 22.72 -23.88
N LYS B 149 10.01 22.69 -23.76
CA LYS B 149 10.65 22.43 -22.47
C LYS B 149 10.18 23.40 -21.39
N TYR B 150 9.83 24.63 -21.75
CA TYR B 150 9.41 25.63 -20.77
C TYR B 150 7.96 26.07 -20.97
N GLY B 151 7.21 25.40 -21.85
CA GLY B 151 5.85 25.80 -22.12
C GLY B 151 4.79 25.13 -21.25
N LEU B 152 5.21 24.70 -20.06
CA LEU B 152 4.33 24.03 -19.11
C LEU B 152 4.36 24.67 -17.73
N LYS B 153 5.08 25.79 -17.57
CA LYS B 153 5.60 26.21 -16.27
C LYS B 153 4.49 26.39 -15.24
N ASP B 154 3.52 27.26 -15.52
CA ASP B 154 2.51 27.60 -14.54
C ASP B 154 1.25 26.77 -14.64
N THR B 155 1.19 25.85 -15.60
CA THR B 155 -0.07 25.22 -15.95
C THR B 155 -0.48 24.18 -14.91
N GLU B 156 -1.80 24.05 -14.72
CA GLU B 156 -2.32 22.88 -14.01
C GLU B 156 -2.20 21.63 -14.85
N ILE B 157 -1.67 21.74 -16.07
CA ILE B 157 -1.50 20.57 -16.93
C ILE B 157 -0.55 19.58 -16.27
N ARG B 158 0.46 20.08 -15.53
CA ARG B 158 1.40 19.22 -14.82
C ARG B 158 0.67 18.21 -13.93
N TYR B 159 -0.43 18.64 -13.33
CA TYR B 159 -1.17 17.81 -12.38
C TYR B 159 -2.30 17.02 -13.04
N ARG B 160 -2.93 17.58 -14.07
CA ARG B 160 -4.04 16.91 -14.74
C ARG B 160 -3.58 16.04 -15.90
N GLN B 161 -2.35 16.21 -16.35
CA GLN B 161 -1.77 15.44 -17.44
C GLN B 161 -0.33 15.09 -17.07
N ARG B 162 -0.18 14.40 -15.93
CA ARG B 162 1.13 14.15 -15.34
C ARG B 162 2.12 13.52 -16.31
N TYR B 163 1.63 12.75 -17.28
CA TYR B 163 2.53 12.12 -18.24
C TYR B 163 3.29 13.17 -19.06
N LEU B 164 2.65 14.28 -19.39
CA LEU B 164 3.36 15.35 -20.10
C LEU B 164 4.44 15.97 -19.22
N ASP B 165 4.13 16.20 -17.94
CA ASP B 165 5.13 16.70 -17.00
C ASP B 165 6.33 15.74 -16.91
N LEU B 166 6.06 14.44 -16.84
CA LEU B 166 7.15 13.47 -16.73
C LEU B 166 7.98 13.43 -18.00
N LEU B 167 7.35 13.65 -19.15
CA LEU B 167 8.11 13.69 -20.40
C LEU B 167 8.92 14.96 -20.51
N ILE B 168 8.35 16.10 -20.10
CA ILE B 168 8.91 17.43 -20.40
C ILE B 168 9.83 17.92 -19.29
N ASN B 169 9.48 17.74 -18.01
CA ASN B 169 10.23 18.36 -16.90
C ASN B 169 11.17 17.33 -16.28
N GLU B 170 12.46 17.45 -16.58
CA GLU B 170 13.43 16.44 -16.14
C GLU B 170 13.41 16.23 -14.64
N SER B 171 13.16 17.31 -13.87
CA SER B 171 13.19 17.21 -12.42
C SER B 171 12.05 16.37 -11.84
N SER B 172 10.90 16.29 -12.53
N SER B 172 10.91 16.28 -12.54
CA SER B 172 9.76 15.59 -11.94
CA SER B 172 9.75 15.60 -11.95
C SER B 172 10.04 14.10 -11.76
C SER B 172 10.04 14.11 -11.77
N ARG B 173 10.63 13.48 -12.77
CA ARG B 173 11.04 12.09 -12.63
C ARG B 173 11.97 11.91 -11.42
N HIS B 174 12.93 12.82 -11.24
CA HIS B 174 13.82 12.75 -10.09
C HIS B 174 13.04 12.87 -8.79
N THR B 175 12.06 13.78 -8.74
CA THR B 175 11.24 13.91 -7.55
C THR B 175 10.54 12.59 -7.23
N PHE B 176 9.96 11.95 -8.24
CA PHE B 176 9.20 10.74 -7.88
C PHE B 176 10.12 9.56 -7.59
N VAL B 177 11.32 9.55 -8.18
CA VAL B 177 12.31 8.55 -7.80
C VAL B 177 12.67 8.70 -6.33
N THR B 178 12.91 9.94 -5.90
CA THR B 178 13.24 10.17 -4.51
C THR B 178 12.10 9.72 -3.59
N ARG B 179 10.86 9.97 -3.99
CA ARG B 179 9.73 9.52 -3.18
C ARG B 179 9.76 8.01 -2.98
N THR B 180 9.96 7.25 -4.07
CA THR B 180 10.01 5.80 -3.92
C THR B 180 11.21 5.36 -3.09
N LYS B 181 12.35 6.05 -3.24
CA LYS B 181 13.51 5.73 -2.40
C LYS B 181 13.22 5.95 -0.92
N ILE B 182 12.51 7.03 -0.60
CA ILE B 182 12.17 7.32 0.79
C ILE B 182 11.31 6.19 1.37
N ILE B 183 10.26 5.82 0.64
CA ILE B 183 9.41 4.72 1.12
C ILE B 183 10.20 3.43 1.28
N ASN B 184 11.07 3.10 0.30
CA ASN B 184 11.88 1.88 0.39
C ASN B 184 12.77 1.93 1.63
N PHE B 185 13.37 3.09 1.86
CA PHE B 185 14.26 3.24 3.01
C PHE B 185 13.49 3.01 4.29
N LEU B 186 12.28 3.54 4.37
CA LEU B 186 11.47 3.40 5.56
C LEU B 186 11.09 1.94 5.79
N ARG B 187 10.66 1.26 4.72
CA ARG B 187 10.25 -0.14 4.85
C ARG B 187 11.43 -0.98 5.29
N ASN B 188 12.61 -0.74 4.72
N ASN B 188 12.61 -0.74 4.72
CA ASN B 188 13.79 -1.50 5.12
CA ASN B 188 13.78 -1.49 5.11
C ASN B 188 14.20 -1.18 6.55
C ASN B 188 14.20 -1.18 6.55
N PHE B 189 14.16 0.11 6.92
CA PHE B 189 14.50 0.54 8.28
C PHE B 189 13.64 -0.18 9.31
N LEU B 190 12.34 -0.28 9.05
CA LEU B 190 11.45 -0.99 9.97
C LEU B 190 11.68 -2.50 9.93
N ASN B 191 11.79 -3.08 8.73
CA ASN B 191 11.94 -4.53 8.64
C ASN B 191 13.23 -4.97 9.33
N GLU B 192 14.30 -4.20 9.21
CA GLU B 192 15.56 -4.56 9.84
C GLU B 192 15.46 -4.55 11.36
N ARG B 193 14.46 -3.84 11.92
CA ARG B 193 14.27 -3.76 13.35
C ARG B 193 13.22 -4.75 13.86
N GLY B 194 12.87 -5.76 13.06
CA GLY B 194 11.91 -6.77 13.49
C GLY B 194 10.46 -6.43 13.25
N PHE B 195 10.17 -5.38 12.51
CA PHE B 195 8.78 -4.97 12.39
C PHE B 195 8.09 -5.74 11.28
N PHE B 196 6.77 -5.93 11.45
CA PHE B 196 6.00 -6.81 10.59
C PHE B 196 4.89 -6.03 9.89
N GLU B 197 4.93 -6.01 8.56
CA GLU B 197 4.08 -5.16 7.76
C GLU B 197 2.75 -5.85 7.54
N VAL B 198 1.66 -5.11 7.73
CA VAL B 198 0.32 -5.69 7.59
C VAL B 198 -0.57 -4.74 6.80
N GLU B 199 -1.74 -5.24 6.46
CA GLU B 199 -2.79 -4.42 5.85
C GLU B 199 -4.04 -4.51 6.70
N THR B 200 -4.56 -3.36 7.12
CA THR B 200 -5.81 -3.26 7.85
C THR B 200 -6.84 -2.59 6.96
N PRO B 201 -8.14 -2.62 7.32
CA PRO B 201 -9.18 -2.23 6.37
C PRO B 201 -9.19 -0.73 6.08
N MET B 202 -9.41 -0.41 4.81
CA MET B 202 -9.63 0.97 4.40
C MET B 202 -11.03 1.45 4.77
N MET B 203 -12.00 0.54 4.87
CA MET B 203 -13.38 0.87 5.18
C MET B 203 -13.76 0.22 6.49
N ASN B 204 -14.42 0.97 7.37
CA ASN B 204 -14.77 0.47 8.69
C ASN B 204 -16.14 1.01 9.08
N LEU B 205 -16.75 0.39 10.10
CA LEU B 205 -17.97 0.98 10.66
C LEU B 205 -17.70 2.32 11.33
N ILE B 206 -16.54 2.47 11.97
CA ILE B 206 -16.16 3.73 12.58
C ILE B 206 -14.80 4.15 12.05
N ALA B 207 -14.64 5.45 11.80
CA ALA B 207 -13.37 6.01 11.32
C ALA B 207 -12.70 6.69 12.52
N GLY B 208 -11.84 5.95 13.21
CA GLY B 208 -11.24 6.45 14.43
C GLY B 208 -9.74 6.56 14.34
N GLY B 209 -9.09 6.85 15.46
CA GLY B 209 -7.64 6.93 15.53
C GLY B 209 -7.06 8.29 15.20
N ALA B 210 -7.90 9.28 14.94
CA ALA B 210 -7.50 10.67 14.75
C ALA B 210 -8.76 11.52 14.86
N ASN B 211 -8.58 12.83 14.72
CA ASN B 211 -9.70 13.77 14.81
C ASN B 211 -9.83 14.43 13.44
N ALA B 212 -10.70 13.87 12.59
CA ALA B 212 -10.92 14.36 11.23
C ALA B 212 -12.30 13.92 10.76
N ARG B 213 -12.83 14.67 9.79
CA ARG B 213 -14.10 14.32 9.15
C ARG B 213 -13.87 13.26 8.09
N PRO B 214 -14.63 12.16 8.10
CA PRO B 214 -14.33 11.04 7.20
C PRO B 214 -15.10 11.13 5.88
N PHE B 215 -14.64 10.34 4.92
CA PHE B 215 -15.45 10.03 3.75
C PHE B 215 -16.41 8.91 4.10
N ILE B 216 -17.58 8.94 3.46
CA ILE B 216 -18.62 7.94 3.67
C ILE B 216 -18.92 7.23 2.35
N THR B 217 -19.08 5.91 2.40
CA THR B 217 -19.49 5.16 1.24
C THR B 217 -20.49 4.07 1.65
N HIS B 218 -20.97 3.31 0.67
CA HIS B 218 -22.07 2.36 0.87
C HIS B 218 -21.80 1.03 0.18
N HIS B 219 -21.88 -0.05 0.93
CA HIS B 219 -21.83 -1.38 0.35
C HIS B 219 -23.25 -1.84 0.04
N ASN B 220 -23.52 -2.12 -1.24
CA ASN B 220 -24.90 -2.38 -1.64
C ASN B 220 -25.42 -3.69 -1.05
N ASP B 221 -24.67 -4.78 -1.21
CA ASP B 221 -25.18 -6.10 -0.86
C ASP B 221 -25.47 -6.20 0.63
N LEU B 222 -24.60 -5.66 1.49
CA LEU B 222 -24.84 -5.61 2.92
C LEU B 222 -25.77 -4.46 3.34
N ASP B 223 -26.08 -3.54 2.44
CA ASP B 223 -26.86 -2.34 2.72
C ASP B 223 -26.31 -1.63 3.95
N LEU B 224 -25.04 -1.26 3.88
CA LEU B 224 -24.32 -0.77 5.04
C LEU B 224 -23.47 0.43 4.65
N ASP B 225 -23.63 1.53 5.38
CA ASP B 225 -22.72 2.66 5.24
C ASP B 225 -21.37 2.32 5.86
N LEU B 226 -20.30 2.68 5.18
CA LEU B 226 -18.94 2.49 5.69
C LEU B 226 -18.17 3.79 5.61
N TYR B 227 -17.19 3.94 6.51
CA TYR B 227 -16.33 5.12 6.55
C TYR B 227 -14.93 4.74 6.09
N LEU B 228 -14.36 5.56 5.21
CA LEU B 228 -12.96 5.38 4.86
C LEU B 228 -12.09 5.76 6.06
N ARG B 229 -10.97 5.05 6.22
CA ARG B 229 -10.17 5.27 7.41
C ARG B 229 -9.52 6.66 7.39
N ILE B 230 -9.49 7.30 8.57
CA ILE B 230 -8.71 8.52 8.75
C ILE B 230 -7.35 8.22 9.34
N ALA B 231 -7.13 7.02 9.86
CA ALA B 231 -5.85 6.61 10.44
C ALA B 231 -5.83 5.08 10.49
N THR B 232 -4.66 4.52 10.83
CA THR B 232 -4.57 3.07 11.00
C THR B 232 -4.38 2.64 12.45
N GLU B 233 -4.40 3.59 13.40
CA GLU B 233 -4.03 3.37 14.80
C GLU B 233 -4.84 2.26 15.46
N LEU B 234 -6.18 2.29 15.35
CA LEU B 234 -6.97 1.36 16.15
C LEU B 234 -6.78 -0.11 15.75
N PRO B 235 -6.93 -0.49 14.47
CA PRO B 235 -6.63 -1.90 14.13
C PRO B 235 -5.19 -2.31 14.40
N LEU B 236 -4.22 -1.42 14.25
CA LEU B 236 -2.85 -1.85 14.55
C LEU B 236 -2.67 -2.11 16.05
N LYS B 237 -3.27 -1.29 16.91
CA LYS B 237 -3.19 -1.59 18.33
C LYS B 237 -3.88 -2.93 18.62
N MET B 238 -4.99 -3.20 17.94
CA MET B 238 -5.62 -4.51 18.11
C MET B 238 -4.66 -5.64 17.73
N LEU B 239 -3.83 -5.41 16.71
CA LEU B 239 -2.85 -6.43 16.36
C LEU B 239 -1.77 -6.55 17.44
N ILE B 240 -1.51 -5.48 18.19
CA ILE B 240 -0.57 -5.59 19.31
C ILE B 240 -1.17 -6.50 20.39
N VAL B 241 -2.45 -6.27 20.73
CA VAL B 241 -3.14 -7.19 21.65
C VAL B 241 -2.98 -8.62 21.16
N GLY B 242 -3.11 -8.83 19.85
CA GLY B 242 -2.94 -10.14 19.23
C GLY B 242 -1.54 -10.71 19.28
N GLY B 243 -0.56 -9.95 19.77
CA GLY B 243 0.79 -10.45 19.92
C GLY B 243 1.74 -10.17 18.79
N ILE B 244 1.32 -9.38 17.79
CA ILE B 244 2.26 -8.89 16.80
C ILE B 244 2.90 -7.65 17.41
N ASP B 245 3.98 -7.86 18.16
CA ASP B 245 4.51 -6.87 19.07
C ASP B 245 5.25 -5.75 18.36
N LYS B 246 5.66 -5.94 17.11
CA LYS B 246 6.20 -4.88 16.26
C LYS B 246 5.48 -4.96 14.92
N VAL B 247 4.60 -4.00 14.66
CA VAL B 247 3.69 -4.07 13.53
C VAL B 247 3.59 -2.68 12.90
N TYR B 248 3.39 -2.63 11.58
CA TYR B 248 3.24 -1.35 10.90
C TYR B 248 2.46 -1.50 9.60
N GLU B 249 2.10 -0.34 9.02
CA GLU B 249 1.33 -0.32 7.78
C GLU B 249 1.70 0.95 7.03
N ILE B 250 2.03 0.83 5.75
CA ILE B 250 2.25 2.00 4.88
C ILE B 250 1.14 2.02 3.84
N GLY B 251 0.28 3.02 3.89
CA GLY B 251 -0.79 3.08 2.91
C GLY B 251 -1.58 4.38 3.01
N LYS B 252 -2.64 4.46 2.20
CA LYS B 252 -3.44 5.67 2.12
C LYS B 252 -4.38 5.77 3.31
N VAL B 253 -4.61 7.00 3.77
CA VAL B 253 -5.75 7.29 4.64
C VAL B 253 -6.47 8.47 4.00
N PHE B 254 -7.63 8.82 4.56
CA PHE B 254 -8.56 9.73 3.90
C PHE B 254 -9.16 10.69 4.90
N ARG B 255 -9.13 11.97 4.55
CA ARG B 255 -9.71 13.00 5.39
C ARG B 255 -10.49 13.93 4.49
N ASN B 256 -11.72 14.19 4.89
CA ASN B 256 -12.69 14.92 4.09
C ASN B 256 -12.71 16.36 4.60
N GLU B 257 -11.72 17.15 4.16
CA GLU B 257 -11.61 18.55 4.58
C GLU B 257 -10.98 19.34 3.42
N GLY B 258 -10.40 20.50 3.74
CA GLY B 258 -9.87 21.36 2.69
C GLY B 258 -8.58 20.86 2.07
N ILE B 259 -8.34 21.35 0.85
CA ILE B 259 -7.15 21.08 0.05
C ILE B 259 -6.28 22.33 -0.02
N ASP B 260 -5.00 22.19 0.28
CA ASP B 260 -4.06 23.30 0.06
C ASP B 260 -2.71 22.72 -0.29
N ASN B 261 -1.64 23.52 -0.17
CA ASN B 261 -0.31 23.06 -0.56
C ASN B 261 0.18 21.93 0.33
N THR B 262 -0.38 21.77 1.54
CA THR B 262 0.06 20.69 2.43
C THR B 262 -1.07 19.71 2.75
N HIS B 263 -2.18 19.73 2.01
CA HIS B 263 -3.31 18.84 2.24
C HIS B 263 -3.84 18.31 0.91
N ASN B 264 -3.82 16.99 0.76
CA ASN B 264 -4.51 16.25 -0.31
C ASN B 264 -5.49 15.27 0.32
N PRO B 265 -6.69 15.10 -0.24
CA PRO B 265 -7.74 14.33 0.48
C PRO B 265 -7.36 12.89 0.77
N GLU B 266 -6.56 12.27 -0.07
CA GLU B 266 -5.93 11.01 0.26
C GLU B 266 -4.43 11.26 0.35
N PHE B 267 -3.80 10.69 1.37
CA PHE B 267 -2.37 10.91 1.58
C PHE B 267 -1.81 9.64 2.20
N THR B 268 -0.49 9.47 2.08
CA THR B 268 0.15 8.24 2.45
C THR B 268 0.73 8.37 3.85
N SER B 269 0.34 7.46 4.74
CA SER B 269 0.88 7.47 6.09
C SER B 269 1.59 6.15 6.37
N CYS B 270 2.55 6.23 7.28
CA CYS B 270 3.11 5.07 7.97
C CYS B 270 2.78 5.20 9.45
N GLU B 271 2.18 4.15 10.03
CA GLU B 271 2.08 4.06 11.48
C GLU B 271 2.72 2.76 11.93
N PHE B 272 3.48 2.80 13.04
CA PHE B 272 3.99 1.58 13.66
C PHE B 272 3.68 1.55 15.15
N TYR B 273 3.58 0.34 15.68
CA TYR B 273 3.30 0.13 17.09
C TYR B 273 4.39 -0.79 17.63
N TRP B 274 4.94 -0.43 18.78
CA TRP B 274 6.18 -1.04 19.26
C TRP B 274 5.97 -1.38 20.75
N ALA B 275 5.54 -2.61 20.98
CA ALA B 275 5.23 -3.04 22.34
C ALA B 275 6.46 -2.92 23.24
N TYR B 276 6.22 -2.45 24.46
CA TYR B 276 7.25 -2.26 25.48
C TYR B 276 8.14 -1.06 25.18
N ALA B 277 7.87 -0.31 24.11
CA ALA B 277 8.49 0.99 23.90
C ALA B 277 7.67 2.09 24.56
N ASP B 278 8.32 3.25 24.79
CA ASP B 278 7.59 4.41 25.28
C ASP B 278 8.11 5.69 24.61
N TYR B 279 7.55 6.82 25.05
CA TYR B 279 7.87 8.15 24.55
C TYR B 279 9.35 8.35 24.26
N ASN B 280 10.21 7.92 25.17
CA ASN B 280 11.64 8.15 24.99
C ASN B 280 12.18 7.34 23.82
N ASP B 281 11.77 6.07 23.73
CA ASP B 281 12.17 5.27 22.58
C ASP B 281 11.73 5.92 21.28
N LEU B 282 10.53 6.52 21.27
CA LEU B 282 9.98 7.13 20.05
C LEU B 282 10.73 8.41 19.67
N ILE B 283 11.10 9.24 20.66
CA ILE B 283 11.97 10.38 20.39
C ILE B 283 13.24 9.93 19.68
N LYS B 284 13.86 8.86 20.23
CA LYS B 284 15.14 8.41 19.67
C LYS B 284 14.97 7.78 18.29
N TRP B 285 13.89 7.02 18.11
CA TRP B 285 13.59 6.48 16.79
C TRP B 285 13.46 7.61 15.78
N SER B 286 12.75 8.69 16.14
CA SER B 286 12.54 9.78 15.18
C SER B 286 13.86 10.45 14.81
N GLU B 287 14.69 10.72 15.81
CA GLU B 287 15.97 11.35 15.52
C GLU B 287 16.86 10.44 14.66
N ASP B 288 16.92 9.13 14.99
CA ASP B 288 17.71 8.20 14.19
C ASP B 288 17.19 8.09 12.77
N PHE B 289 15.88 7.87 12.62
CA PHE B 289 15.29 7.69 11.30
C PHE B 289 15.54 8.91 10.42
N PHE B 290 15.21 10.11 10.92
CA PHE B 290 15.32 11.27 10.05
C PHE B 290 16.78 11.60 9.73
N SER B 291 17.67 11.58 10.73
CA SER B 291 19.07 11.84 10.43
C SER B 291 19.60 10.81 9.43
N GLN B 292 19.23 9.53 9.61
CA GLN B 292 19.78 8.50 8.74
C GLN B 292 19.21 8.58 7.34
N LEU B 293 17.92 8.88 7.22
CA LEU B 293 17.30 9.03 5.89
C LEU B 293 17.94 10.18 5.13
N VAL B 294 18.09 11.34 5.79
CA VAL B 294 18.67 12.49 5.11
C VAL B 294 20.09 12.18 4.69
N TYR B 295 20.86 11.55 5.60
CA TYR B 295 22.24 11.21 5.25
C TYR B 295 22.28 10.22 4.10
N HIS B 296 21.34 9.26 4.09
CA HIS B 296 21.23 8.31 3.00
C HIS B 296 21.03 9.01 1.67
N LEU B 297 20.16 10.01 1.62
CA LEU B 297 19.84 10.63 0.35
C LEU B 297 20.92 11.60 -0.11
N PHE B 298 21.48 12.40 0.82
CA PHE B 298 22.27 13.56 0.50
C PHE B 298 23.72 13.49 0.97
N GLY B 299 24.12 12.40 1.62
CA GLY B 299 25.47 12.34 2.14
C GLY B 299 25.84 13.43 3.11
N THR B 300 24.86 14.06 3.75
CA THR B 300 25.07 15.11 4.75
C THR B 300 23.78 15.22 5.54
N TYR B 301 23.83 15.95 6.65
CA TYR B 301 22.66 16.14 7.49
C TYR B 301 21.97 17.48 7.27
N LYS B 302 22.62 18.39 6.55
CA LYS B 302 22.08 19.72 6.25
C LYS B 302 21.65 19.79 4.80
N ILE B 303 20.42 20.22 4.56
CA ILE B 303 19.89 20.41 3.21
C ILE B 303 19.40 21.84 3.04
N SER B 304 19.26 22.26 1.79
CA SER B 304 18.68 23.55 1.50
C SER B 304 17.26 23.34 1.00
N TYR B 305 16.38 24.27 1.33
CA TYR B 305 14.96 24.12 1.04
C TYR B 305 14.42 25.49 0.70
N ASN B 306 13.79 25.61 -0.46
CA ASN B 306 13.21 26.87 -0.89
C ASN B 306 11.83 27.01 -0.26
N LYS B 307 11.83 27.38 1.03
CA LYS B 307 10.56 27.50 1.75
C LYS B 307 9.64 28.50 1.09
N ASP B 308 10.19 29.60 0.59
CA ASP B 308 9.38 30.66 0.01
C ASP B 308 9.31 30.58 -1.50
N GLY B 309 9.59 29.42 -2.07
CA GLY B 309 9.49 29.24 -3.50
C GLY B 309 10.83 29.27 -4.22
N PRO B 310 10.85 28.68 -5.40
CA PRO B 310 12.11 28.61 -6.16
C PRO B 310 12.67 29.95 -6.53
N GLU B 311 11.84 30.98 -6.65
CA GLU B 311 12.37 32.28 -7.04
C GLU B 311 12.88 33.09 -5.86
N ASN B 312 12.82 32.54 -4.65
CA ASN B 312 13.22 33.24 -3.44
C ASN B 312 14.37 32.49 -2.77
N GLN B 313 15.05 33.21 -1.88
CA GLN B 313 16.20 32.65 -1.18
C GLN B 313 15.77 31.41 -0.39
N PRO B 314 16.56 30.34 -0.39
CA PRO B 314 16.24 29.16 0.42
C PRO B 314 16.80 29.27 1.84
N ILE B 315 16.35 28.34 2.68
CA ILE B 315 16.87 28.21 4.02
C ILE B 315 17.61 26.87 4.10
N GLU B 316 18.42 26.72 5.14
CA GLU B 316 19.09 25.46 5.40
C GLU B 316 18.40 24.74 6.56
N ILE B 317 18.09 23.46 6.38
CA ILE B 317 17.52 22.64 7.46
C ILE B 317 18.56 21.62 7.90
N ASP B 318 18.88 21.65 9.20
CA ASP B 318 19.91 20.78 9.78
C ASP B 318 19.22 19.61 10.48
N PHE B 319 19.41 18.40 9.95
CA PHE B 319 18.85 17.20 10.54
C PHE B 319 19.82 16.50 11.52
N THR B 320 20.93 17.14 11.88
CA THR B 320 21.83 16.56 12.87
C THR B 320 21.12 16.44 14.22
N PRO B 321 21.00 15.25 14.78
CA PRO B 321 20.32 15.12 16.08
C PRO B 321 21.24 15.56 17.20
N PRO B 322 20.71 15.85 18.39
CA PRO B 322 19.29 15.82 18.74
C PRO B 322 18.53 17.07 18.28
N TYR B 323 17.21 16.97 18.26
CA TYR B 323 16.31 18.06 17.94
C TYR B 323 15.72 18.63 19.22
N PRO B 324 15.37 19.92 19.25
CA PRO B 324 14.79 20.49 20.48
C PRO B 324 13.39 19.96 20.74
N LYS B 325 13.00 20.03 22.00
CA LYS B 325 11.68 19.61 22.46
C LYS B 325 11.06 20.77 23.22
N VAL B 326 9.83 21.14 22.83
CA VAL B 326 9.15 22.28 23.43
C VAL B 326 7.84 21.77 24.02
N SER B 327 7.63 22.00 25.31
CA SER B 327 6.40 21.57 25.96
C SER B 327 5.27 22.52 25.63
N ILE B 328 4.14 21.96 25.19
CA ILE B 328 3.13 22.76 24.50
C ILE B 328 2.55 23.81 25.43
N VAL B 329 2.13 23.40 26.63
CA VAL B 329 1.36 24.27 27.51
C VAL B 329 2.22 25.44 27.97
N GLU B 330 3.42 25.16 28.48
CA GLU B 330 4.20 26.24 29.06
C GLU B 330 4.81 27.14 27.99
N GLU B 331 5.03 26.62 26.78
CA GLU B 331 5.47 27.52 25.71
C GLU B 331 4.33 28.44 25.27
N ILE B 332 3.10 27.91 25.19
CA ILE B 332 1.96 28.80 24.94
C ILE B 332 1.85 29.84 26.05
N GLU B 333 2.16 29.45 27.28
CA GLU B 333 2.09 30.38 28.41
C GLU B 333 3.14 31.49 28.29
N LYS B 334 4.37 31.13 27.91
CA LYS B 334 5.39 32.16 27.70
C LYS B 334 5.01 33.08 26.55
N VAL B 335 4.65 32.51 25.41
CA VAL B 335 4.40 33.30 24.21
C VAL B 335 3.23 34.26 24.42
N THR B 336 2.14 33.76 25.00
CA THR B 336 0.95 34.60 25.18
C THR B 336 1.16 35.65 26.26
N ASN B 337 2.10 35.39 27.19
CA ASN B 337 2.33 36.11 28.45
C ASN B 337 1.24 35.75 29.46
N THR B 338 0.33 34.84 29.14
CA THR B 338 -0.71 34.39 30.06
C THR B 338 -0.30 33.08 30.73
N ILE B 339 -1.12 32.63 31.68
CA ILE B 339 -0.94 31.35 32.34
C ILE B 339 -2.27 30.61 32.30
N LEU B 340 -2.27 29.42 31.70
CA LEU B 340 -3.47 28.64 31.46
C LEU B 340 -3.90 27.90 32.73
N GLU B 341 -5.14 27.41 32.74
CA GLU B 341 -5.79 27.03 33.98
C GLU B 341 -5.48 25.60 34.40
N GLN B 342 -6.01 25.23 35.59
CA GLN B 342 -5.78 23.88 36.11
C GLN B 342 -6.60 22.85 35.37
N PRO B 343 -7.92 22.89 35.38
CA PRO B 343 -8.67 22.05 34.43
C PRO B 343 -8.78 22.82 33.13
N PHE B 344 -8.27 22.24 32.03
CA PHE B 344 -8.11 23.00 30.80
C PHE B 344 -9.46 23.39 30.20
N ASP B 345 -10.51 22.66 30.55
CA ASP B 345 -11.86 22.93 30.09
C ASP B 345 -12.56 24.01 30.91
N SER B 346 -11.95 24.48 32.01
CA SER B 346 -12.59 25.45 32.88
C SER B 346 -12.94 26.71 32.11
N ASN B 347 -14.14 27.23 32.36
CA ASN B 347 -14.58 28.42 31.63
C ASN B 347 -13.65 29.60 31.90
N GLU B 348 -12.92 29.59 33.01
CA GLU B 348 -11.82 30.52 33.18
C GLU B 348 -10.76 30.31 32.10
N THR B 349 -10.32 29.06 31.92
CA THR B 349 -9.34 28.75 30.88
C THR B 349 -9.89 29.04 29.49
N ILE B 350 -11.12 28.59 29.21
CA ILE B 350 -11.69 28.77 27.88
C ILE B 350 -11.79 30.26 27.55
N GLU B 351 -12.23 31.07 28.51
CA GLU B 351 -12.31 32.51 28.29
C GLU B 351 -10.91 33.10 28.09
N LYS B 352 -9.93 32.62 28.87
CA LYS B 352 -8.56 33.10 28.69
C LYS B 352 -8.04 32.77 27.29
N MET B 353 -8.38 31.61 26.76
CA MET B 353 -7.90 31.23 25.44
C MET B 353 -8.62 32.03 24.35
N ILE B 354 -9.94 32.20 24.49
CA ILE B 354 -10.69 33.02 23.54
C ILE B 354 -10.14 34.45 23.53
N ASN B 355 -9.88 35.00 24.72
CA ASN B 355 -9.37 36.37 24.81
C ASN B 355 -7.92 36.46 24.36
N ILE B 356 -7.16 35.37 24.42
CA ILE B 356 -5.83 35.38 23.82
C ILE B 356 -5.94 35.44 22.31
N ILE B 357 -6.86 34.67 21.72
CA ILE B 357 -7.05 34.68 20.28
C ILE B 357 -7.52 36.04 19.82
N LYS B 358 -8.34 36.73 20.63
CA LYS B 358 -8.83 38.05 20.25
C LYS B 358 -7.80 39.14 20.50
N GLU B 359 -7.00 39.02 21.57
CA GLU B 359 -5.95 40.00 21.85
C GLU B 359 -4.86 39.98 20.79
N HIS B 360 -4.74 38.89 20.02
CA HIS B 360 -3.78 38.75 18.95
C HIS B 360 -4.44 38.66 17.58
N LYS B 361 -5.75 38.91 17.51
CA LYS B 361 -6.51 38.94 16.26
C LYS B 361 -6.47 37.60 15.52
N ILE B 362 -6.30 36.50 16.25
CA ILE B 362 -6.28 35.17 15.64
C ILE B 362 -7.70 34.71 15.39
N GLU B 363 -7.89 33.94 14.31
CA GLU B 363 -9.23 33.50 13.93
C GLU B 363 -9.80 32.58 15.03
N LEU B 364 -11.06 32.82 15.38
CA LEU B 364 -11.70 32.09 16.46
C LEU B 364 -12.27 30.77 15.95
N PRO B 365 -11.86 29.64 16.50
CA PRO B 365 -12.45 28.36 16.08
C PRO B 365 -13.90 28.24 16.54
N ASN B 366 -14.67 27.49 15.76
CA ASN B 366 -16.09 27.27 16.04
C ASN B 366 -16.41 25.79 15.86
N PRO B 367 -16.87 25.10 16.92
CA PRO B 367 -17.06 25.58 18.28
C PRO B 367 -15.75 25.83 19.02
N PRO B 368 -15.77 26.72 20.04
CA PRO B 368 -14.56 27.08 20.79
C PRO B 368 -14.17 26.08 21.87
N THR B 369 -14.10 24.80 21.48
CA THR B 369 -13.71 23.75 22.42
C THR B 369 -12.30 24.00 22.95
N ALA B 370 -12.04 23.50 24.16
CA ALA B 370 -10.71 23.61 24.74
C ALA B 370 -9.65 23.02 23.83
N ALA B 371 -9.94 21.88 23.20
CA ALA B 371 -8.95 21.22 22.34
C ALA B 371 -8.70 22.05 21.09
N LYS B 372 -9.76 22.53 20.43
CA LYS B 372 -9.58 23.36 19.24
C LYS B 372 -8.84 24.64 19.58
N LEU B 373 -9.12 25.23 20.75
CA LEU B 373 -8.45 26.44 21.17
C LEU B 373 -6.96 26.19 21.38
N LEU B 374 -6.61 25.13 22.11
CA LEU B 374 -5.20 24.79 22.29
C LEU B 374 -4.52 24.55 20.95
N ASP B 375 -5.19 23.88 20.01
CA ASP B 375 -4.56 23.60 18.72
C ASP B 375 -4.27 24.89 17.96
N GLN B 376 -5.25 25.80 17.90
CA GLN B 376 -5.04 27.07 17.22
C GLN B 376 -3.93 27.89 17.88
N LEU B 377 -3.93 27.91 19.22
CA LEU B 377 -2.84 28.59 19.94
C LEU B 377 -1.49 28.00 19.55
N ALA B 378 -1.40 26.67 19.48
CA ALA B 378 -0.13 26.03 19.15
C ALA B 378 0.33 26.43 17.75
N SER B 379 -0.57 26.32 16.77
CA SER B 379 -0.21 26.69 15.40
C SER B 379 0.19 28.15 15.30
N HIS B 380 -0.27 29.01 16.22
CA HIS B 380 0.10 30.42 16.11
C HIS B 380 1.35 30.80 16.87
N PHE B 381 1.57 30.23 18.05
CA PHE B 381 2.64 30.67 18.93
C PHE B 381 3.85 29.75 18.95
N ILE B 382 3.77 28.55 18.39
CA ILE B 382 4.83 27.57 18.56
C ILE B 382 5.35 26.98 17.26
N GLU B 383 4.44 26.51 16.41
CA GLU B 383 4.80 25.60 15.33
C GLU B 383 5.84 26.15 14.37
N ASN B 384 6.15 27.46 14.44
CA ASN B 384 7.26 28.02 13.68
C ASN B 384 8.37 28.55 14.60
N LYS B 385 8.55 27.92 15.76
CA LYS B 385 9.63 28.33 16.65
C LYS B 385 10.99 28.11 16.03
N TYR B 386 11.11 27.08 15.20
CA TYR B 386 12.35 26.78 14.50
C TYR B 386 12.08 26.58 13.01
N ASN B 387 13.01 27.04 12.18
CA ASN B 387 13.12 26.64 10.79
C ASN B 387 14.49 26.08 10.43
N ASP B 388 15.52 26.32 11.26
CA ASP B 388 16.84 25.77 11.04
C ASP B 388 16.84 24.24 11.15
N LYS B 389 16.01 23.69 12.01
CA LYS B 389 16.09 22.32 12.47
C LYS B 389 14.66 21.81 12.66
N PRO B 390 14.43 20.51 12.52
CA PRO B 390 13.16 19.95 12.99
C PRO B 390 13.10 20.06 14.51
N PHE B 391 11.89 20.02 15.05
CA PHE B 391 11.76 20.09 16.50
C PHE B 391 10.46 19.45 16.94
N PHE B 392 10.42 19.09 18.21
CA PHE B 392 9.29 18.36 18.80
C PHE B 392 8.46 19.29 19.66
N ILE B 393 7.14 19.26 19.46
CA ILE B 393 6.19 19.77 20.43
C ILE B 393 5.71 18.58 21.25
N VAL B 394 5.82 18.69 22.58
CA VAL B 394 5.68 17.52 23.45
C VAL B 394 4.74 17.83 24.62
N GLU B 395 4.32 16.75 25.28
CA GLU B 395 3.57 16.81 26.54
C GLU B 395 2.20 17.48 26.36
N HIS B 396 1.49 17.08 25.31
CA HIS B 396 0.17 17.63 25.06
C HIS B 396 -0.78 17.25 26.19
N PRO B 397 -1.77 18.10 26.49
CA PRO B 397 -2.77 17.74 27.50
C PRO B 397 -3.63 16.56 27.07
N GLN B 398 -4.09 15.79 28.05
CA GLN B 398 -4.99 14.68 27.80
C GLN B 398 -6.21 15.12 26.98
N ILE B 399 -6.61 16.38 27.13
CA ILE B 399 -7.78 16.91 26.42
C ILE B 399 -7.56 16.88 24.92
N MET B 400 -6.32 17.10 24.47
CA MET B 400 -6.01 17.09 23.05
C MET B 400 -5.69 15.70 22.51
N SER B 401 -5.55 14.70 23.39
CA SER B 401 -4.85 13.45 23.06
C SER B 401 -5.60 12.28 23.67
N PRO B 402 -6.79 11.97 23.16
CA PRO B 402 -7.63 10.96 23.84
C PRO B 402 -7.10 9.53 23.80
N LEU B 403 -6.06 9.24 23.01
CA LEU B 403 -5.52 7.89 22.89
C LEU B 403 -4.08 7.79 23.40
N ALA B 404 -3.52 8.88 23.93
CA ALA B 404 -2.17 8.87 24.47
C ALA B 404 -2.21 8.62 25.97
N LYS B 405 -1.22 7.92 26.49
CA LYS B 405 -1.17 7.65 27.93
C LYS B 405 -0.85 8.91 28.72
N TYR B 406 -1.48 9.02 29.89
CA TYR B 406 -1.22 10.15 30.77
C TYR B 406 0.25 10.20 31.16
N HIS B 407 0.75 11.42 31.33
CA HIS B 407 2.16 11.62 31.69
C HIS B 407 2.44 11.06 33.08
N ARG B 408 3.51 10.28 33.21
CA ARG B 408 3.76 9.59 34.47
C ARG B 408 4.09 10.54 35.62
N THR B 409 4.53 11.77 35.32
CA THR B 409 4.86 12.72 36.38
C THR B 409 4.17 14.09 36.26
N LYS B 410 3.45 14.36 35.16
CA LYS B 410 2.81 15.66 34.96
C LYS B 410 1.31 15.45 34.77
N PRO B 411 0.53 15.46 35.85
CA PRO B 411 -0.92 15.20 35.71
C PRO B 411 -1.55 16.15 34.72
N GLY B 412 -2.62 15.68 34.06
CA GLY B 412 -3.27 16.44 33.02
C GLY B 412 -2.62 16.35 31.65
N LEU B 413 -1.35 15.95 31.57
CA LEU B 413 -0.63 15.91 30.30
C LEU B 413 -0.39 14.47 29.89
N THR B 414 0.11 14.29 28.66
CA THR B 414 0.38 12.96 28.10
C THR B 414 1.78 12.92 27.53
N GLU B 415 2.25 11.69 27.29
CA GLU B 415 3.60 11.46 26.78
C GLU B 415 3.58 11.44 25.26
N ARG B 416 3.25 12.60 24.68
CA ARG B 416 3.03 12.75 23.25
C ARG B 416 4.13 13.62 22.66
N LEU B 417 4.47 13.33 21.40
CA LEU B 417 5.44 14.13 20.66
C LEU B 417 4.93 14.35 19.26
N GLU B 418 5.15 15.56 18.73
CA GLU B 418 4.88 15.88 17.33
C GLU B 418 6.10 16.57 16.74
N MET B 419 6.66 16.02 15.67
CA MET B 419 7.79 16.67 15.00
C MET B 419 7.31 17.58 13.87
N PHE B 420 7.90 18.77 13.79
CA PHE B 420 7.58 19.79 12.80
C PHE B 420 8.83 20.12 12.00
N ILE B 421 8.65 20.32 10.70
CA ILE B 421 9.68 20.86 9.82
C ILE B 421 9.08 22.08 9.16
N CYS B 422 9.77 23.22 9.28
CA CYS B 422 9.33 24.48 8.69
C CYS B 422 7.86 24.75 8.99
N GLY B 423 7.46 24.50 10.24
CA GLY B 423 6.10 24.75 10.64
C GLY B 423 5.09 23.69 10.24
N LYS B 424 5.51 22.61 9.59
CA LYS B 424 4.60 21.59 9.09
C LYS B 424 4.79 20.29 9.86
N GLU B 425 3.68 19.74 10.36
CA GLU B 425 3.75 18.50 11.12
C GLU B 425 4.01 17.33 10.18
N VAL B 426 4.98 16.49 10.53
CA VAL B 426 5.33 15.30 9.76
C VAL B 426 5.27 14.03 10.60
N LEU B 427 5.02 14.13 11.91
CA LEU B 427 5.17 13.01 12.81
C LEU B 427 4.32 13.23 14.05
N ASN B 428 3.70 12.17 14.55
CA ASN B 428 2.86 12.23 15.74
C ASN B 428 2.97 10.88 16.43
N ALA B 429 3.19 10.90 17.74
CA ALA B 429 3.61 9.69 18.42
C ALA B 429 3.35 9.82 19.90
N TYR B 430 3.17 8.68 20.55
CA TYR B 430 3.01 8.73 22.00
C TYR B 430 3.10 7.35 22.63
N THR B 431 3.37 7.36 23.92
CA THR B 431 3.05 6.22 24.77
C THR B 431 1.56 5.97 24.67
N GLU B 432 1.17 4.74 24.31
CA GLU B 432 -0.21 4.43 24.04
C GLU B 432 -1.03 4.26 25.32
N LEU B 433 -2.22 4.84 25.33
CA LEU B 433 -3.18 4.61 26.41
C LEU B 433 -3.66 3.16 26.36
N ASN B 434 -3.53 2.45 27.49
CA ASN B 434 -3.84 1.03 27.46
C ASN B 434 -4.70 0.55 28.62
N ASP B 435 -5.11 1.45 29.52
CA ASP B 435 -6.10 1.10 30.52
C ASP B 435 -7.47 1.33 29.90
N PRO B 436 -8.24 0.28 29.64
CA PRO B 436 -9.52 0.49 28.93
C PRO B 436 -10.49 1.35 29.71
N PHE B 437 -10.30 1.42 31.04
CA PHE B 437 -11.18 2.21 31.88
C PHE B 437 -10.95 3.71 31.67
N LYS B 438 -9.70 4.11 31.42
CA LYS B 438 -9.46 5.51 31.07
C LYS B 438 -9.79 5.79 29.61
N GLN B 439 -9.75 4.76 28.76
CA GLN B 439 -9.98 4.96 27.34
C GLN B 439 -11.44 5.25 27.05
N LYS B 440 -12.34 4.48 27.67
CA LYS B 440 -13.77 4.81 27.54
C LYS B 440 -14.07 6.18 28.13
N GLU B 441 -13.34 6.59 29.17
CA GLU B 441 -13.41 7.95 29.70
C GLU B 441 -13.13 8.97 28.61
N CYS B 442 -11.99 8.81 27.93
CA CYS B 442 -11.62 9.75 26.89
C CYS B 442 -12.64 9.76 25.77
N PHE B 443 -13.18 8.58 25.42
CA PHE B 443 -14.21 8.52 24.38
C PHE B 443 -15.46 9.28 24.78
N LYS B 444 -15.84 9.19 26.07
CA LYS B 444 -17.05 9.87 26.51
C LYS B 444 -16.84 11.39 26.51
N LEU B 445 -15.64 11.84 26.91
CA LEU B 445 -15.34 13.27 26.78
C LEU B 445 -15.41 13.71 25.32
N GLN B 446 -14.94 12.86 24.39
CA GLN B 446 -15.02 13.19 22.97
C GLN B 446 -16.47 13.26 22.49
N GLN B 447 -17.32 12.35 22.96
CA GLN B 447 -18.74 12.42 22.62
C GLN B 447 -19.37 13.72 23.15
N LYS B 448 -18.94 14.16 24.34
CA LYS B 448 -19.43 15.42 24.88
C LYS B 448 -18.99 16.59 24.00
N ASP B 449 -17.76 16.53 23.47
CA ASP B 449 -17.31 17.55 22.53
C ASP B 449 -18.13 17.53 21.24
N ARG B 450 -18.46 16.33 20.75
CA ARG B 450 -19.33 16.19 19.58
C ARG B 450 -20.73 16.72 19.85
N GLU B 451 -21.17 16.73 21.12
CA GLU B 451 -22.47 17.27 21.48
C GLU B 451 -22.54 18.81 21.42
N LYS B 452 -21.49 19.49 20.97
CA LYS B 452 -21.50 20.94 20.83
C LYS B 452 -21.22 21.40 19.40
N GLY B 453 -21.09 20.47 18.45
CA GLY B 453 -20.83 20.79 17.07
C GLY B 453 -19.45 20.41 16.56
N ASP B 454 -18.67 19.64 17.32
CA ASP B 454 -17.34 19.21 16.89
C ASP B 454 -17.51 18.00 15.99
N THR B 455 -17.45 18.24 14.67
CA THR B 455 -17.65 17.15 13.71
C THR B 455 -16.45 16.23 13.65
N GLU B 456 -15.24 16.81 13.67
CA GLU B 456 -14.01 16.05 13.52
C GLU B 456 -13.66 15.21 14.76
N ALA B 457 -14.42 15.32 15.84
CA ALA B 457 -14.15 14.48 17.02
C ALA B 457 -14.47 13.02 16.70
N ALA B 458 -13.55 12.13 17.08
CA ALA B 458 -13.68 10.72 16.71
C ALA B 458 -14.83 10.05 17.46
N GLN B 459 -15.54 9.18 16.76
CA GLN B 459 -16.61 8.39 17.34
C GLN B 459 -16.04 7.25 18.18
N LEU B 460 -16.88 6.72 19.07
CA LEU B 460 -16.48 5.61 19.92
C LEU B 460 -16.46 4.30 19.12
N ASP B 461 -15.34 3.57 19.22
CA ASP B 461 -15.19 2.27 18.56
C ASP B 461 -15.30 1.18 19.63
N SER B 462 -16.39 0.41 19.60
CA SER B 462 -16.59 -0.59 20.64
C SER B 462 -15.68 -1.80 20.46
N ALA B 463 -15.43 -2.20 19.21
CA ALA B 463 -14.48 -3.29 18.96
C ALA B 463 -13.11 -2.97 19.54
N PHE B 464 -12.66 -1.72 19.35
CA PHE B 464 -11.36 -1.32 19.88
C PHE B 464 -11.33 -1.42 21.40
N CYS B 465 -12.36 -0.88 22.06
CA CYS B 465 -12.41 -0.92 23.52
C CYS B 465 -12.43 -2.33 24.06
N THR B 466 -13.25 -3.22 23.46
CA THR B 466 -13.22 -4.62 23.86
C THR B 466 -11.81 -5.20 23.72
N SER B 467 -11.11 -4.88 22.63
CA SER B 467 -9.76 -5.43 22.48
C SER B 467 -8.83 -4.95 23.60
N LEU B 468 -8.96 -3.68 24.00
CA LEU B 468 -8.20 -3.18 25.14
C LEU B 468 -8.45 -4.01 26.39
N GLU B 469 -9.68 -4.49 26.55
CA GLU B 469 -10.02 -5.29 27.74
C GLU B 469 -9.30 -6.63 27.80
N TYR B 470 -8.69 -7.10 26.70
CA TYR B 470 -7.93 -8.34 26.69
C TYR B 470 -6.45 -8.11 27.01
N GLY B 471 -6.04 -6.87 27.21
CA GLY B 471 -4.67 -6.63 27.61
C GLY B 471 -3.83 -6.11 26.47
N LEU B 472 -3.64 -4.80 26.45
CA LEU B 472 -2.69 -4.19 25.52
C LEU B 472 -1.42 -3.93 26.32
N PRO B 473 -0.31 -4.58 26.01
CA PRO B 473 0.92 -4.31 26.74
C PRO B 473 1.25 -2.84 26.65
N PRO B 474 2.06 -2.30 27.55
CA PRO B 474 2.58 -0.95 27.35
C PRO B 474 3.25 -0.91 25.99
N THR B 475 2.96 0.14 25.22
CA THR B 475 3.32 0.20 23.81
C THR B 475 3.63 1.65 23.46
N GLY B 476 4.50 1.82 22.46
CA GLY B 476 4.71 3.14 21.90
C GLY B 476 4.34 3.15 20.43
N GLY B 477 3.55 4.13 19.98
CA GLY B 477 3.15 4.21 18.59
C GLY B 477 3.50 5.55 17.98
N LEU B 478 3.69 5.53 16.66
CA LEU B 478 4.18 6.67 15.91
C LEU B 478 3.54 6.65 14.52
N GLY B 479 3.21 7.83 14.02
CA GLY B 479 2.77 7.98 12.64
C GLY B 479 3.61 8.98 11.88
N LEU B 480 3.78 8.73 10.59
CA LEU B 480 4.55 9.57 9.69
C LEU B 480 3.68 10.09 8.54
N GLY B 481 3.85 11.37 8.20
CA GLY B 481 3.29 11.91 6.97
C GLY B 481 4.24 11.85 5.79
N ILE B 482 4.09 10.82 4.96
CA ILE B 482 5.09 10.53 3.92
C ILE B 482 5.18 11.66 2.90
N ASP B 483 4.03 12.18 2.48
CA ASP B 483 4.02 13.20 1.44
C ASP B 483 4.73 14.47 1.89
N ARG B 484 4.46 14.92 3.11
CA ARG B 484 5.14 16.12 3.59
C ARG B 484 6.64 15.88 3.72
N ILE B 485 7.02 14.69 4.21
CA ILE B 485 8.44 14.37 4.31
C ILE B 485 9.09 14.45 2.94
N THR B 486 8.42 13.88 1.93
CA THR B 486 8.95 13.88 0.58
C THR B 486 9.06 15.30 0.03
N MET B 487 8.08 16.15 0.36
CA MET B 487 8.15 17.56 -0.04
C MET B 487 9.43 18.20 0.47
N PHE B 488 9.72 18.05 1.76
CA PHE B 488 10.93 18.68 2.30
C PHE B 488 12.21 18.08 1.74
N LEU B 489 12.22 16.79 1.46
CA LEU B 489 13.41 16.15 0.92
C LEU B 489 13.51 16.23 -0.61
N THR B 490 12.53 16.79 -1.30
CA THR B 490 12.64 17.00 -2.74
C THR B 490 12.63 18.48 -3.10
N ASN B 491 12.69 19.36 -2.11
CA ASN B 491 12.64 20.81 -2.31
C ASN B 491 11.36 21.25 -3.04
N LYS B 492 10.22 20.75 -2.58
CA LYS B 492 8.92 21.14 -3.13
C LYS B 492 8.12 21.91 -2.08
N ASN B 493 7.38 22.93 -2.54
CA ASN B 493 6.50 23.74 -1.71
C ASN B 493 5.07 23.21 -1.63
N SER B 494 4.68 22.36 -2.55
CA SER B 494 3.31 21.92 -2.68
C SER B 494 3.25 20.40 -2.67
N ILE B 495 2.33 19.86 -1.88
CA ILE B 495 2.09 18.42 -1.86
C ILE B 495 1.72 17.91 -3.26
N LYS B 496 1.20 18.77 -4.12
CA LYS B 496 0.83 18.36 -5.47
C LYS B 496 2.04 17.99 -6.30
N ASP B 497 3.23 18.48 -5.93
CA ASP B 497 4.43 18.13 -6.69
C ASP B 497 5.07 16.82 -6.25
N VAL B 498 4.52 16.13 -5.24
CA VAL B 498 5.09 14.85 -4.83
C VAL B 498 4.07 13.72 -4.92
N ILE B 499 2.88 14.00 -5.43
CA ILE B 499 1.82 13.02 -5.68
C ILE B 499 1.61 12.95 -7.18
N LEU B 500 1.62 11.74 -7.75
CA LEU B 500 1.54 11.65 -9.20
C LEU B 500 0.23 12.23 -9.74
N PHE B 501 -0.90 11.95 -9.08
CA PHE B 501 -2.21 12.46 -9.50
C PHE B 501 -2.94 13.08 -8.32
N PRO B 502 -2.59 14.31 -7.94
CA PRO B 502 -3.26 14.93 -6.81
C PRO B 502 -4.71 15.24 -7.15
N THR B 503 -5.51 15.42 -6.10
CA THR B 503 -6.91 15.76 -6.28
C THR B 503 -7.04 17.21 -6.74
N MET B 504 -7.75 17.41 -7.84
CA MET B 504 -7.85 18.72 -8.46
C MET B 504 -9.31 19.15 -8.53
N ARG B 505 -9.52 20.46 -8.56
CA ARG B 505 -10.82 20.98 -8.97
C ARG B 505 -11.14 20.47 -10.38
N PRO B 506 -12.30 19.84 -10.60
CA PRO B 506 -12.59 19.23 -11.90
C PRO B 506 -12.90 20.28 -12.96
#